data_7EJ6
#
_entry.id   7EJ6
#
loop_
_entity.id
_entity.type
_entity.pdbx_description
1 polymer HLJ1_G0016300.mRNA.1.CDS.1
2 polymer "DNA (5'-D(P*TP*TP*TP*TP*TP*TP*TP*TP*T)-3')"
3 non-polymer 'MAGNESIUM ION'
4 non-polymer "ADENOSINE-5'-TRIPHOSPHATE"
#
loop_
_entity_poly.entity_id
_entity_poly.type
_entity_poly.pdbx_seq_one_letter_code
_entity_poly.pdbx_strand_id
1 'polypeptide(L)'
;MSVTGTEIDSDTAKNILSVDELQNYGINASDLQKLKSGGIYTVNTVLSTTRRHLCKIKGLSEVKVEKIKEAAGKIIQVGF
IPATVQLDIRQRVYSLSTGSKQLDSILGGGIMTMSITEVFGEFRCGKTQMSHTLCVTTQLPREMGGGEGKVAYIDTEGTF
RPERIKQIAEGYELDPESCLANVSYARALNSEHQMELVEQLGEELSSGDYRLIVVDSIMANFRVDYCGRGELSERQQKLN
QHLFKLNRLAEEFNVAVFLTNQVQSDPGASALFASADGRKPIGGHVLAHASATRILLRKGRGDERVAKLQDSPDMPEKEC
VYVIGEKGITDSSD
;
B,C,A
2 'polydeoxyribonucleotide' (DT)(DT)(DT)(DT)(DT)(DT)(DT)(DT)(DT) D
#
# COMPACT_ATOMS: atom_id res chain seq x y z
N ILE A 16 22.01 -9.20 10.82
CA ILE A 16 21.63 -10.41 10.12
C ILE A 16 22.65 -10.73 9.05
N LEU A 17 22.63 -11.96 8.55
CA LEU A 17 23.66 -12.43 7.64
C LEU A 17 23.40 -11.96 6.21
N SER A 18 24.47 -11.68 5.50
CA SER A 18 24.41 -11.15 4.15
C SER A 18 24.41 -12.28 3.14
N VAL A 19 24.65 -11.96 1.87
CA VAL A 19 24.73 -12.96 0.81
C VAL A 19 26.18 -13.41 0.68
N ASP A 20 27.06 -12.85 1.51
CA ASP A 20 28.45 -13.23 1.50
C ASP A 20 28.71 -14.54 2.24
N GLU A 21 27.92 -14.84 3.26
CA GLU A 21 28.11 -16.09 4.00
C GLU A 21 28.05 -17.29 3.06
N LEU A 22 27.15 -17.27 2.09
CA LEU A 22 27.02 -18.39 1.16
C LEU A 22 28.07 -18.35 0.05
N GLN A 23 28.97 -17.39 0.08
CA GLN A 23 30.10 -17.36 -0.84
C GLN A 23 31.10 -18.47 -0.54
N ASN A 24 30.88 -19.22 0.55
CA ASN A 24 31.83 -20.22 1.02
C ASN A 24 31.22 -21.60 1.06
N TYR A 25 30.23 -21.88 0.21
CA TYR A 25 29.61 -23.19 0.16
C TYR A 25 29.73 -23.78 -1.23
N GLY A 26 30.90 -23.66 -1.84
CA GLY A 26 31.07 -24.13 -3.19
C GLY A 26 30.35 -23.24 -4.18
N ILE A 27 30.42 -21.93 -3.96
CA ILE A 27 29.79 -20.94 -4.83
C ILE A 27 30.87 -20.04 -5.39
N ASN A 28 30.86 -19.85 -6.71
CA ASN A 28 31.80 -18.94 -7.34
C ASN A 28 31.51 -17.51 -6.92
N ALA A 29 32.56 -16.73 -6.75
CA ALA A 29 32.43 -15.30 -6.50
C ALA A 29 32.20 -14.52 -7.77
N SER A 30 31.81 -15.19 -8.86
CA SER A 30 31.61 -14.51 -10.13
C SER A 30 30.27 -13.81 -10.19
N ASP A 31 29.18 -14.58 -10.09
CA ASP A 31 27.85 -14.01 -10.20
C ASP A 31 27.29 -13.52 -8.88
N LEU A 32 27.92 -13.89 -7.76
CA LEU A 32 27.58 -13.25 -6.50
C LEU A 32 27.50 -11.74 -6.67
N GLN A 33 28.49 -11.16 -7.33
CA GLN A 33 28.38 -9.78 -7.75
C GLN A 33 27.17 -9.59 -8.66
N LYS A 34 26.93 -10.56 -9.54
CA LYS A 34 25.77 -10.50 -10.43
C LYS A 34 24.45 -10.59 -9.68
N LEU A 35 24.34 -11.52 -8.72
CA LEU A 35 23.16 -11.56 -7.86
C LEU A 35 22.97 -10.22 -7.17
N LYS A 36 23.98 -9.79 -6.42
CA LYS A 36 23.93 -8.51 -5.74
C LYS A 36 23.45 -7.40 -6.66
N SER A 37 23.92 -7.40 -7.91
CA SER A 37 23.44 -6.41 -8.87
C SER A 37 21.97 -6.57 -9.15
N GLY A 38 21.46 -7.80 -9.08
CA GLY A 38 20.06 -8.03 -9.33
C GLY A 38 19.13 -7.65 -8.20
N GLY A 39 19.65 -7.12 -7.10
CA GLY A 39 18.81 -6.72 -6.00
C GLY A 39 19.02 -7.53 -4.75
N ILE A 40 19.55 -8.74 -4.90
CA ILE A 40 19.79 -9.62 -3.77
C ILE A 40 20.92 -9.06 -2.93
N TYR A 41 20.71 -8.98 -1.62
CA TYR A 41 21.76 -8.50 -0.71
C TYR A 41 21.89 -9.31 0.57
N THR A 42 20.94 -10.16 0.89
CA THR A 42 21.07 -11.06 2.03
C THR A 42 20.68 -12.46 1.59
N VAL A 43 20.59 -13.37 2.56
CA VAL A 43 20.23 -14.75 2.25
C VAL A 43 18.73 -14.94 2.23
N ASN A 44 18.03 -14.37 3.21
CA ASN A 44 16.58 -14.51 3.24
C ASN A 44 15.98 -14.10 1.91
N THR A 45 16.36 -12.93 1.41
CA THR A 45 15.89 -12.51 0.09
C THR A 45 16.20 -13.56 -0.96
N VAL A 46 17.24 -14.37 -0.76
CA VAL A 46 17.49 -15.47 -1.67
C VAL A 46 16.45 -16.56 -1.50
N LEU A 47 16.31 -17.07 -0.27
CA LEU A 47 15.31 -18.09 -0.03
C LEU A 47 13.93 -17.64 -0.46
N SER A 48 13.62 -16.36 -0.31
CA SER A 48 12.29 -15.86 -0.64
C SER A 48 12.10 -15.65 -2.13
N THR A 49 13.14 -15.72 -2.93
CA THR A 49 13.06 -15.42 -4.35
C THR A 49 12.73 -16.67 -5.14
N THR A 50 11.94 -16.51 -6.19
CA THR A 50 11.53 -17.63 -7.01
C THR A 50 12.58 -17.93 -8.07
N ARG A 51 12.77 -19.22 -8.34
CA ARG A 51 13.67 -19.63 -9.41
C ARG A 51 13.34 -18.88 -10.70
N ARG A 52 12.09 -18.97 -11.15
CA ARG A 52 11.67 -18.28 -12.36
C ARG A 52 12.17 -16.84 -12.36
N HIS A 53 12.15 -16.20 -11.20
CA HIS A 53 12.64 -14.83 -11.11
C HIS A 53 14.15 -14.78 -11.04
N LEU A 54 14.79 -15.72 -10.34
CA LEU A 54 16.24 -15.75 -10.30
C LEU A 54 16.85 -15.98 -11.67
N CYS A 55 16.19 -16.76 -12.52
CA CYS A 55 16.68 -17.08 -13.85
C CYS A 55 16.38 -15.97 -14.85
N LYS A 56 16.07 -14.79 -14.36
CA LYS A 56 15.81 -13.63 -15.21
C LYS A 56 16.78 -12.49 -14.94
N ILE A 57 17.90 -12.78 -14.29
CA ILE A 57 18.90 -11.75 -14.00
C ILE A 57 19.93 -11.64 -15.12
N LYS A 58 19.70 -12.31 -16.25
CA LYS A 58 20.52 -12.11 -17.44
C LYS A 58 21.99 -12.47 -17.18
N GLY A 59 22.23 -13.75 -16.99
CA GLY A 59 23.58 -14.21 -16.73
C GLY A 59 23.75 -15.18 -15.58
N LEU A 60 22.67 -15.84 -15.18
CA LEU A 60 22.76 -16.94 -14.23
C LEU A 60 22.16 -18.21 -14.84
N SER A 61 22.75 -19.35 -14.50
CA SER A 61 22.35 -20.63 -15.06
C SER A 61 21.35 -21.34 -14.16
N GLU A 62 20.40 -22.02 -14.80
CA GLU A 62 19.39 -22.75 -14.06
C GLU A 62 20.01 -23.73 -13.08
N VAL A 63 20.95 -24.55 -13.53
CA VAL A 63 21.69 -25.40 -12.60
C VAL A 63 22.45 -24.55 -11.61
N LYS A 64 23.02 -23.44 -12.07
CA LYS A 64 23.64 -22.50 -11.16
C LYS A 64 22.63 -22.02 -10.12
N VAL A 65 21.42 -21.70 -10.55
CA VAL A 65 20.40 -21.23 -9.63
C VAL A 65 20.06 -22.31 -8.60
N GLU A 66 19.99 -23.57 -9.05
CA GLU A 66 19.70 -24.64 -8.12
C GLU A 66 20.80 -24.81 -7.09
N LYS A 67 22.06 -24.75 -7.54
CA LYS A 67 23.17 -24.80 -6.59
C LYS A 67 23.07 -23.65 -5.59
N ILE A 68 22.69 -22.47 -6.06
CA ILE A 68 22.56 -21.32 -5.17
C ILE A 68 21.48 -21.58 -4.14
N LYS A 69 20.32 -22.06 -4.59
CA LYS A 69 19.22 -22.34 -3.67
C LYS A 69 19.61 -23.40 -2.65
N GLU A 70 20.38 -24.40 -3.07
CA GLU A 70 20.81 -25.43 -2.14
C GLU A 70 21.78 -24.87 -1.11
N ALA A 71 22.78 -24.12 -1.56
CA ALA A 71 23.67 -23.45 -0.62
C ALA A 71 22.86 -22.64 0.39
N ALA A 72 21.91 -21.84 -0.11
CA ALA A 72 21.09 -21.04 0.79
C ALA A 72 20.40 -21.91 1.83
N GLY A 73 19.57 -22.86 1.38
CA GLY A 73 18.93 -23.78 2.31
C GLY A 73 19.90 -24.42 3.27
N LYS A 74 21.18 -24.51 2.89
CA LYS A 74 22.19 -25.00 3.83
C LYS A 74 22.25 -24.15 5.08
N ILE A 75 22.44 -22.84 4.91
CA ILE A 75 22.64 -21.96 6.06
C ILE A 75 21.43 -21.99 6.98
N ILE A 76 20.28 -21.59 6.45
CA ILE A 76 19.06 -21.54 7.25
C ILE A 76 18.00 -22.40 6.57
N GLN A 77 17.08 -22.91 7.39
CA GLN A 77 15.99 -23.76 6.92
C GLN A 77 14.67 -23.15 7.33
N VAL A 78 13.62 -23.53 6.61
CA VAL A 78 12.26 -23.05 6.86
C VAL A 78 11.36 -24.27 6.88
N GLY A 79 11.10 -24.80 8.07
CA GLY A 79 10.28 -26.00 8.19
C GLY A 79 8.97 -25.72 8.90
N PHE A 80 8.79 -26.35 10.07
CA PHE A 80 7.56 -26.19 10.85
C PHE A 80 7.94 -25.97 12.30
N ILE A 81 8.20 -24.72 12.66
CA ILE A 81 8.34 -24.35 14.06
C ILE A 81 7.04 -24.76 14.75
N PRO A 82 7.06 -25.32 15.94
CA PRO A 82 5.80 -25.84 16.48
C PRO A 82 4.78 -24.73 16.67
N ALA A 83 4.89 -23.94 17.73
CA ALA A 83 4.27 -22.61 17.77
C ALA A 83 5.08 -21.68 18.65
N THR A 84 5.76 -22.26 19.64
CA THR A 84 6.31 -21.45 20.73
C THR A 84 7.59 -20.77 20.29
N VAL A 85 8.44 -21.46 19.55
CA VAL A 85 9.59 -20.79 18.95
C VAL A 85 9.11 -19.59 18.16
N GLN A 86 7.90 -19.68 17.60
CA GLN A 86 7.32 -18.53 16.92
C GLN A 86 7.02 -17.42 17.91
N LEU A 87 6.37 -17.76 19.02
CA LEU A 87 6.06 -16.77 20.04
C LEU A 87 7.31 -16.11 20.59
N ASP A 88 8.45 -16.77 20.49
CA ASP A 88 9.70 -16.23 21.01
C ASP A 88 10.43 -15.39 19.98
N ILE A 89 10.50 -15.86 18.74
CA ILE A 89 11.03 -15.04 17.66
C ILE A 89 10.23 -13.75 17.53
N ARG A 90 8.93 -13.81 17.77
CA ARG A 90 8.10 -12.62 17.73
C ARG A 90 8.31 -11.73 18.94
N GLN A 91 9.09 -12.19 19.92
CA GLN A 91 9.32 -11.38 21.12
C GLN A 91 10.02 -10.09 20.76
N ARG A 92 10.83 -10.10 19.71
CA ARG A 92 11.54 -8.91 19.26
C ARG A 92 10.71 -8.16 18.20
N VAL A 93 9.44 -7.93 18.53
CA VAL A 93 8.57 -7.28 17.56
C VAL A 93 8.74 -5.78 17.62
N TYR A 94 9.22 -5.24 18.73
CA TYR A 94 9.78 -3.90 18.71
C TYR A 94 8.78 -2.84 18.30
N SER A 95 7.73 -2.63 19.10
CA SER A 95 6.73 -1.63 18.80
C SER A 95 7.28 -0.21 18.93
N LEU A 96 6.52 0.75 18.40
CA LEU A 96 6.89 2.15 18.39
C LEU A 96 5.77 3.01 18.94
N SER A 97 6.14 4.21 19.39
CA SER A 97 5.20 5.17 19.95
C SER A 97 4.79 6.20 18.92
N THR A 98 3.49 6.49 18.86
CA THR A 98 2.98 7.40 17.85
C THR A 98 3.07 8.86 18.26
N GLY A 99 2.97 9.14 19.55
CA GLY A 99 3.08 10.50 20.04
C GLY A 99 1.90 10.92 20.89
N SER A 100 0.98 10.00 21.15
CA SER A 100 -0.20 10.30 21.94
C SER A 100 -0.58 9.08 22.74
N LYS A 101 -0.36 9.12 24.04
CA LYS A 101 -0.61 7.96 24.88
C LYS A 101 -1.95 7.33 24.60
N GLN A 102 -2.97 8.13 24.30
CA GLN A 102 -4.28 7.55 23.99
C GLN A 102 -4.21 6.68 22.76
N LEU A 103 -3.68 7.21 21.66
CA LEU A 103 -3.55 6.39 20.45
C LEU A 103 -2.64 5.20 20.69
N ASP A 104 -1.42 5.44 21.17
CA ASP A 104 -0.50 4.35 21.44
C ASP A 104 -1.18 3.22 22.21
N SER A 105 -1.93 3.57 23.27
CA SER A 105 -2.65 2.55 24.00
C SER A 105 -3.74 1.93 23.15
N ILE A 106 -4.29 2.69 22.19
CA ILE A 106 -5.31 2.14 21.32
C ILE A 106 -4.73 1.21 20.28
N LEU A 107 -3.40 1.17 20.14
CA LEU A 107 -2.74 0.25 19.23
C LEU A 107 -2.03 -0.89 19.94
N GLY A 108 -1.82 -0.78 21.25
CA GLY A 108 -1.05 -1.76 21.99
C GLY A 108 0.38 -1.36 22.23
N GLY A 109 0.74 -0.11 21.99
CA GLY A 109 2.11 0.32 22.08
C GLY A 109 2.44 1.25 20.93
N GLY A 110 1.74 1.07 19.81
CA GLY A 110 1.93 1.95 18.68
C GLY A 110 2.12 1.21 17.37
N ILE A 111 3.05 1.69 16.55
CA ILE A 111 3.29 1.10 15.24
C ILE A 111 4.15 -0.15 15.43
N MET A 112 3.52 -1.32 15.40
CA MET A 112 4.28 -2.55 15.49
C MET A 112 5.25 -2.66 14.32
N THR A 113 6.37 -3.32 14.56
CA THR A 113 7.38 -3.53 13.52
C THR A 113 7.02 -4.77 12.71
N MET A 114 7.77 -4.95 11.62
CA MET A 114 7.53 -6.05 10.68
C MET A 114 6.03 -6.19 10.38
N SER A 115 5.49 -5.13 9.81
CA SER A 115 4.08 -5.08 9.47
C SER A 115 3.79 -3.75 8.79
N ILE A 116 2.63 -3.69 8.14
CA ILE A 116 2.19 -2.52 7.39
C ILE A 116 1.02 -1.87 8.12
N THR A 117 1.17 -0.58 8.40
CA THR A 117 0.12 0.23 8.99
C THR A 117 -0.21 1.37 8.06
N GLU A 118 -1.48 1.50 7.70
CA GLU A 118 -1.95 2.51 6.77
C GLU A 118 -2.91 3.44 7.51
N VAL A 119 -2.69 4.75 7.36
CA VAL A 119 -3.53 5.77 7.97
C VAL A 119 -4.10 6.61 6.84
N PHE A 120 -5.40 6.85 6.85
CA PHE A 120 -6.04 7.60 5.79
C PHE A 120 -7.10 8.53 6.35
N GLY A 121 -7.31 9.64 5.67
CA GLY A 121 -8.36 10.58 6.03
C GLY A 121 -8.31 11.77 5.12
N GLU A 122 -9.30 12.64 5.28
CA GLU A 122 -9.42 13.83 4.45
C GLU A 122 -8.30 14.79 4.80
N PHE A 123 -8.24 15.89 4.06
CA PHE A 123 -7.09 16.78 4.17
C PHE A 123 -6.97 17.34 5.58
N ARG A 124 -5.84 17.98 5.83
CA ARG A 124 -5.55 18.67 7.08
C ARG A 124 -5.79 17.81 8.31
N CYS A 125 -5.84 16.49 8.15
CA CYS A 125 -5.82 15.63 9.33
C CYS A 125 -4.41 15.35 9.81
N GLY A 126 -3.41 16.00 9.20
CA GLY A 126 -2.05 15.88 9.67
C GLY A 126 -1.49 14.48 9.64
N LYS A 127 -2.07 13.60 8.81
CA LYS A 127 -1.45 12.31 8.63
C LYS A 127 -0.03 12.44 8.13
N THR A 128 0.25 13.42 7.27
CA THR A 128 1.61 13.77 6.93
C THR A 128 2.34 14.47 8.07
N GLN A 129 1.68 14.61 9.22
CA GLN A 129 2.32 15.11 10.43
C GLN A 129 2.66 13.98 11.39
N MET A 130 1.80 12.97 11.47
CA MET A 130 2.14 11.79 12.26
C MET A 130 3.39 11.14 11.73
N SER A 131 3.62 11.17 10.41
CA SER A 131 4.86 10.65 9.87
C SER A 131 6.05 11.48 10.32
N HIS A 132 5.92 12.80 10.26
CA HIS A 132 7.00 13.67 10.71
C HIS A 132 7.33 13.43 12.17
N THR A 133 6.33 13.20 13.00
CA THR A 133 6.61 12.91 14.40
C THR A 133 7.27 11.56 14.56
N LEU A 134 6.75 10.53 13.87
CA LEU A 134 7.37 9.22 13.91
C LEU A 134 8.85 9.31 13.59
N CYS A 135 9.20 10.10 12.58
CA CYS A 135 10.60 10.26 12.21
C CYS A 135 11.43 10.63 13.42
N VAL A 136 10.83 11.31 14.41
CA VAL A 136 11.56 11.77 15.58
C VAL A 136 11.37 10.87 16.79
N THR A 137 10.23 10.21 16.92
CA THR A 137 9.99 9.32 18.04
C THR A 137 10.63 7.95 17.83
N THR A 138 11.58 7.86 16.91
CA THR A 138 12.26 6.61 16.63
C THR A 138 13.69 6.57 17.13
N GLN A 139 14.40 7.68 17.11
CA GLN A 139 15.75 7.71 17.65
C GLN A 139 15.69 7.91 19.16
N LEU A 140 14.91 7.08 19.84
CA LEU A 140 14.76 7.17 21.27
C LEU A 140 15.18 5.85 21.89
N PRO A 141 15.51 5.84 23.18
CA PRO A 141 15.75 4.56 23.86
C PRO A 141 14.49 3.73 23.86
N ARG A 142 14.66 2.41 23.73
CA ARG A 142 13.54 1.50 23.57
C ARG A 142 12.49 1.67 24.65
N GLU A 143 12.91 2.09 25.85
CA GLU A 143 11.99 2.25 26.97
C GLU A 143 11.13 3.51 26.85
N MET A 144 11.20 4.19 25.70
CA MET A 144 10.33 5.33 25.45
C MET A 144 9.34 5.08 24.33
N GLY A 145 9.47 4.00 23.57
CA GLY A 145 8.54 3.70 22.49
C GLY A 145 9.25 3.21 21.25
N GLY A 146 10.42 3.77 20.95
CA GLY A 146 11.23 3.34 19.83
C GLY A 146 12.69 3.23 20.24
N GLY A 147 13.49 2.72 19.32
CA GLY A 147 14.90 2.60 19.63
C GLY A 147 15.89 2.79 18.50
N GLU A 148 16.76 3.78 18.67
CA GLU A 148 18.04 3.89 17.97
C GLU A 148 18.00 3.40 16.54
N GLY A 149 16.91 3.68 15.82
CA GLY A 149 16.76 3.24 14.45
C GLY A 149 16.79 4.41 13.49
N LYS A 150 17.48 4.22 12.37
CA LYS A 150 17.41 5.20 11.31
C LYS A 150 16.02 5.14 10.68
N VAL A 151 15.78 6.03 9.72
CA VAL A 151 14.47 6.15 9.11
C VAL A 151 14.64 6.51 7.64
N ALA A 152 13.91 5.82 6.78
CA ALA A 152 13.86 6.13 5.36
C ALA A 152 12.51 6.74 5.05
N TYR A 153 12.52 7.82 4.27
CA TYR A 153 11.31 8.57 4.00
C TYR A 153 11.19 8.77 2.49
N ILE A 154 10.17 8.14 1.90
CA ILE A 154 9.87 8.28 0.49
C ILE A 154 8.64 9.16 0.38
N ASP A 155 8.79 10.34 -0.22
CA ASP A 155 7.68 11.26 -0.35
C ASP A 155 7.18 11.29 -1.79
N THR A 156 5.86 11.23 -1.96
CA THR A 156 5.28 11.22 -3.33
C THR A 156 4.51 12.53 -3.59
N GLU A 157 4.56 13.48 -2.66
CA GLU A 157 3.85 14.74 -2.89
C GLU A 157 4.66 15.95 -2.45
N GLY A 158 5.96 15.83 -2.21
CA GLY A 158 6.62 16.92 -1.54
C GLY A 158 6.17 16.96 -0.09
N THR A 159 6.15 18.17 0.48
CA THR A 159 5.63 18.38 1.81
C THR A 159 6.44 17.66 2.88
N PHE A 160 7.72 17.40 2.62
CA PHE A 160 8.63 16.95 3.65
C PHE A 160 9.44 18.15 4.11
N ARG A 161 9.29 18.54 5.37
CA ARG A 161 9.91 19.74 5.88
C ARG A 161 10.91 19.38 6.96
N PRO A 162 12.21 19.48 6.70
CA PRO A 162 13.18 19.21 7.77
C PRO A 162 12.99 20.12 8.97
N GLU A 163 12.59 21.36 8.75
CA GLU A 163 12.34 22.27 9.87
C GLU A 163 11.43 21.63 10.90
N ARG A 164 10.21 21.28 10.49
CA ARG A 164 9.29 20.61 11.38
C ARG A 164 9.98 19.50 12.16
N ILE A 165 10.88 18.77 11.49
CA ILE A 165 11.61 17.70 12.17
C ILE A 165 12.42 18.28 13.32
N LYS A 166 13.25 19.28 13.03
CA LYS A 166 14.05 19.90 14.07
C LYS A 166 13.17 20.40 15.21
N GLN A 167 12.12 21.12 14.86
CA GLN A 167 11.21 21.69 15.85
C GLN A 167 10.67 20.61 16.77
N ILE A 168 9.98 19.63 16.19
CA ILE A 168 9.41 18.55 17.00
C ILE A 168 10.50 17.88 17.83
N ALA A 169 11.71 17.82 17.31
CA ALA A 169 12.80 17.21 18.08
C ALA A 169 13.07 18.01 19.34
N GLU A 170 13.40 19.29 19.18
CA GLU A 170 13.63 20.14 20.34
C GLU A 170 12.58 19.91 21.41
N GLY A 171 11.31 19.82 21.00
CA GLY A 171 10.27 19.45 21.94
C GLY A 171 10.50 18.13 22.62
N TYR A 172 11.40 17.30 22.09
CA TYR A 172 11.85 16.09 22.76
C TYR A 172 13.30 16.19 23.19
N GLU A 173 13.84 17.40 23.32
CA GLU A 173 15.16 17.70 23.85
C GLU A 173 16.28 16.99 23.08
N LEU A 174 15.98 16.34 21.97
CA LEU A 174 17.02 15.71 21.18
C LEU A 174 17.73 16.75 20.33
N ASP A 175 19.04 16.62 20.22
CA ASP A 175 19.78 17.51 19.33
C ASP A 175 19.17 17.44 17.95
N PRO A 176 18.75 18.56 17.37
CA PRO A 176 18.16 18.49 16.01
C PRO A 176 19.09 17.85 14.99
N GLU A 177 20.29 18.41 14.82
CA GLU A 177 21.24 17.89 13.85
C GLU A 177 21.36 16.37 13.96
N SER A 178 21.47 15.88 15.18
CA SER A 178 21.57 14.44 15.38
C SER A 178 20.43 13.70 14.70
N CYS A 179 19.19 14.14 14.94
CA CYS A 179 18.06 13.49 14.30
C CYS A 179 18.14 13.63 12.79
N LEU A 180 18.29 14.86 12.31
CA LEU A 180 18.34 15.13 10.88
C LEU A 180 19.43 14.32 10.20
N ALA A 181 20.36 13.77 10.97
CA ALA A 181 21.44 12.97 10.43
C ALA A 181 21.10 11.49 10.39
N ASN A 182 19.90 11.10 10.82
CA ASN A 182 19.49 9.71 10.81
C ASN A 182 18.23 9.48 10.00
N VAL A 183 17.85 10.46 9.18
CA VAL A 183 16.79 10.29 8.21
C VAL A 183 17.41 10.19 6.83
N SER A 184 16.68 9.59 5.91
CA SER A 184 17.16 9.40 4.54
C SER A 184 16.01 9.69 3.59
N TYR A 185 16.11 10.76 2.83
CA TYR A 185 14.98 11.31 2.09
C TYR A 185 15.09 10.96 0.62
N ALA A 186 13.98 10.53 0.04
CA ALA A 186 13.91 10.23 -1.38
C ALA A 186 12.59 10.73 -1.94
N ARG A 187 12.66 11.40 -3.09
CA ARG A 187 11.50 12.02 -3.73
C ARG A 187 11.12 11.18 -4.94
N ALA A 188 10.06 10.39 -4.81
CA ALA A 188 9.63 9.48 -5.86
C ALA A 188 8.85 10.26 -6.91
N LEU A 189 9.43 10.40 -8.09
CA LEU A 189 8.82 11.22 -9.13
C LEU A 189 7.59 10.55 -9.74
N ASN A 190 7.72 9.32 -10.18
CA ASN A 190 6.59 8.59 -10.73
C ASN A 190 6.56 7.17 -10.21
N SER A 191 5.42 6.49 -10.37
CA SER A 191 5.26 5.13 -9.78
C SER A 191 6.38 4.16 -10.18
N GLU A 192 6.79 4.14 -11.44
CA GLU A 192 7.84 3.20 -11.80
C GLU A 192 9.14 3.59 -11.13
N HIS A 193 9.33 4.86 -10.84
CA HIS A 193 10.48 5.26 -10.04
C HIS A 193 10.30 4.89 -8.58
N GLN A 194 9.10 5.09 -8.05
CA GLN A 194 8.82 4.69 -6.67
C GLN A 194 9.13 3.22 -6.46
N MET A 195 8.79 2.38 -7.44
CA MET A 195 9.01 0.94 -7.29
C MET A 195 10.49 0.63 -7.21
N GLU A 196 11.28 1.23 -8.08
CA GLU A 196 12.73 0.99 -8.05
C GLU A 196 13.34 1.50 -6.75
N LEU A 197 12.75 2.54 -6.17
CA LEU A 197 13.26 3.02 -4.87
C LEU A 197 13.35 1.89 -3.87
N VAL A 198 12.32 1.03 -3.81
CA VAL A 198 12.32 -0.01 -2.77
C VAL A 198 13.34 -1.09 -3.10
N GLU A 199 13.46 -1.44 -4.38
CA GLU A 199 14.53 -2.32 -4.81
C GLU A 199 15.86 -1.84 -4.25
N GLN A 200 16.23 -0.60 -4.58
CA GLN A 200 17.45 -0.02 -4.04
C GLN A 200 17.48 -0.18 -2.52
N LEU A 201 16.44 0.33 -1.86
CA LEU A 201 16.35 0.26 -0.41
C LEU A 201 16.85 -1.06 0.12
N GLY A 202 16.40 -2.15 -0.49
CA GLY A 202 16.77 -3.48 -0.03
C GLY A 202 18.25 -3.65 0.25
N GLU A 203 19.10 -2.77 -0.28
CA GLU A 203 20.53 -2.89 -0.03
C GLU A 203 20.92 -2.26 1.31
N GLU A 204 20.73 -0.95 1.44
CA GLU A 204 21.14 -0.28 2.66
C GLU A 204 20.34 -0.77 3.86
N LEU A 205 19.12 -1.24 3.65
CA LEU A 205 18.44 -1.91 4.75
C LEU A 205 19.19 -3.14 5.22
N SER A 206 20.11 -3.64 4.42
CA SER A 206 20.81 -4.89 4.70
C SER A 206 21.99 -4.70 5.64
N SER A 207 22.28 -3.48 6.06
CA SER A 207 23.45 -3.23 6.88
C SER A 207 23.18 -1.99 7.72
N GLY A 208 23.02 -2.19 9.02
CA GLY A 208 22.81 -1.06 9.90
C GLY A 208 21.54 -1.21 10.70
N ASP A 209 21.00 -0.08 11.15
CA ASP A 209 19.83 -0.13 12.03
C ASP A 209 18.79 0.80 11.44
N TYR A 210 17.93 0.24 10.60
CA TYR A 210 16.78 0.93 10.05
C TYR A 210 15.53 0.38 10.72
N ARG A 211 14.74 1.25 11.32
CA ARG A 211 13.57 0.83 12.07
C ARG A 211 12.25 1.16 11.39
N LEU A 212 12.23 2.09 10.45
CA LEU A 212 10.93 2.52 9.96
C LEU A 212 11.07 3.01 8.53
N ILE A 213 10.13 2.59 7.68
CA ILE A 213 10.00 3.09 6.32
C ILE A 213 8.67 3.82 6.23
N VAL A 214 8.67 4.96 5.55
CA VAL A 214 7.50 5.82 5.44
C VAL A 214 7.22 6.07 3.97
N VAL A 215 6.01 5.75 3.54
CA VAL A 215 5.55 6.06 2.19
C VAL A 215 4.39 7.03 2.33
N ASP A 216 4.68 8.31 2.10
CA ASP A 216 3.62 9.35 2.20
C ASP A 216 2.81 9.25 0.89
N SER A 217 1.49 9.00 1.01
CA SER A 217 0.61 8.87 -0.14
C SER A 217 1.14 7.79 -1.06
N ILE A 218 1.12 6.54 -0.60
CA ILE A 218 1.58 5.43 -1.41
C ILE A 218 1.00 5.49 -2.81
N MET A 219 -0.29 5.78 -2.92
CA MET A 219 -0.98 5.67 -4.20
C MET A 219 -1.13 6.99 -4.92
N ALA A 220 -0.36 8.01 -4.55
CA ALA A 220 -0.42 9.28 -5.28
C ALA A 220 -0.10 9.05 -6.75
N ASN A 221 1.12 8.58 -7.03
CA ASN A 221 1.57 8.44 -8.41
C ASN A 221 0.70 7.47 -9.20
N PHE A 222 0.40 6.32 -8.61
CA PHE A 222 -0.42 5.34 -9.31
C PHE A 222 -1.70 5.96 -9.83
N ARG A 223 -2.34 6.80 -9.01
CA ARG A 223 -3.59 7.41 -9.40
C ARG A 223 -3.47 8.20 -10.70
N VAL A 224 -2.27 8.64 -11.05
CA VAL A 224 -2.07 9.54 -12.18
C VAL A 224 -1.52 8.77 -13.36
N ASP A 225 -0.64 7.80 -13.09
CA ASP A 225 0.00 7.04 -14.20
C ASP A 225 -1.05 6.22 -14.97
N TYR A 226 -1.80 5.37 -14.28
CA TYR A 226 -2.76 4.47 -14.91
C TYR A 226 -4.15 5.03 -14.67
N CYS A 227 -4.54 5.99 -15.50
CA CYS A 227 -5.88 6.55 -15.46
C CYS A 227 -6.75 5.85 -16.49
N GLY A 228 -8.02 6.21 -16.53
CA GLY A 228 -8.83 5.67 -17.61
C GLY A 228 -9.15 4.21 -17.50
N ARG A 229 -10.10 3.86 -16.64
CA ARG A 229 -10.49 2.46 -16.40
C ARG A 229 -10.52 1.75 -17.76
N GLY A 230 -10.22 0.46 -17.80
CA GLY A 230 -9.80 -0.19 -19.03
C GLY A 230 -8.29 -0.24 -18.97
N GLU A 231 -7.75 0.47 -17.99
CA GLU A 231 -6.33 0.41 -17.65
C GLU A 231 -6.16 0.14 -16.17
N LEU A 232 -7.20 -0.35 -15.51
CA LEU A 232 -7.20 -0.49 -14.06
C LEU A 232 -6.44 -1.73 -13.61
N SER A 233 -6.77 -2.88 -14.17
CA SER A 233 -6.15 -4.13 -13.74
C SER A 233 -4.64 -4.01 -13.70
N GLU A 234 -4.05 -3.35 -14.69
CA GLU A 234 -2.61 -3.18 -14.70
C GLU A 234 -2.14 -2.36 -13.50
N ARG A 235 -2.84 -1.27 -13.20
CA ARG A 235 -2.49 -0.48 -12.04
C ARG A 235 -2.56 -1.31 -10.77
N GLN A 236 -3.64 -2.07 -10.61
CA GLN A 236 -3.79 -2.86 -9.40
C GLN A 236 -2.70 -3.91 -9.29
N GLN A 237 -2.29 -4.49 -10.41
CA GLN A 237 -1.27 -5.52 -10.35
C GLN A 237 0.08 -4.93 -9.98
N LYS A 238 0.43 -3.78 -10.59
CA LYS A 238 1.66 -3.11 -10.18
C LYS A 238 1.63 -2.78 -8.70
N LEU A 239 0.52 -2.24 -8.22
CA LEU A 239 0.41 -1.91 -6.81
C LEU A 239 0.55 -3.15 -5.93
N ASN A 240 0.03 -4.27 -6.40
CA ASN A 240 0.10 -5.49 -5.59
C ASN A 240 1.52 -5.99 -5.50
N GLN A 241 2.24 -6.00 -6.61
CA GLN A 241 3.66 -6.34 -6.57
C GLN A 241 4.38 -5.43 -5.58
N HIS A 242 4.11 -4.13 -5.66
CA HIS A 242 4.76 -3.19 -4.76
C HIS A 242 4.52 -3.54 -3.31
N LEU A 243 3.25 -3.74 -2.94
CA LEU A 243 2.93 -4.02 -1.55
C LEU A 243 3.56 -5.32 -1.10
N PHE A 244 3.58 -6.33 -1.97
CA PHE A 244 4.21 -7.59 -1.62
C PHE A 244 5.68 -7.37 -1.29
N LYS A 245 6.39 -6.65 -2.14
CA LYS A 245 7.79 -6.36 -1.87
C LYS A 245 7.95 -5.64 -0.54
N LEU A 246 7.10 -4.65 -0.29
CA LEU A 246 7.19 -3.89 0.95
C LEU A 246 7.04 -4.80 2.16
N ASN A 247 6.07 -5.70 2.11
CA ASN A 247 5.87 -6.59 3.25
C ASN A 247 7.03 -7.54 3.42
N ARG A 248 7.57 -8.06 2.31
CA ARG A 248 8.78 -8.87 2.40
C ARG A 248 9.87 -8.13 3.16
N LEU A 249 10.16 -6.91 2.75
CA LEU A 249 11.17 -6.12 3.45
C LEU A 249 10.84 -6.00 4.92
N ALA A 250 9.63 -5.52 5.23
CA ALA A 250 9.25 -5.31 6.61
C ALA A 250 9.38 -6.56 7.45
N GLU A 251 9.24 -7.74 6.86
CA GLU A 251 9.35 -8.98 7.62
C GLU A 251 10.78 -9.44 7.79
N GLU A 252 11.61 -9.38 6.75
CA GLU A 252 12.94 -9.96 6.85
C GLU A 252 13.97 -9.03 7.49
N PHE A 253 13.64 -7.76 7.68
CA PHE A 253 14.57 -6.83 8.30
C PHE A 253 14.07 -6.27 9.62
N ASN A 254 12.99 -6.82 10.15
CA ASN A 254 12.41 -6.34 11.39
C ASN A 254 12.28 -4.83 11.39
N VAL A 255 11.55 -4.35 10.40
CA VAL A 255 11.29 -2.93 10.22
C VAL A 255 9.79 -2.76 10.00
N ALA A 256 9.28 -1.59 10.34
CA ALA A 256 7.85 -1.32 10.24
C ALA A 256 7.57 -0.34 9.11
N VAL A 257 6.49 -0.58 8.37
CA VAL A 257 6.13 0.22 7.21
C VAL A 257 4.90 1.04 7.54
N PHE A 258 4.97 2.34 7.26
CA PHE A 258 3.91 3.27 7.57
C PHE A 258 3.49 3.97 6.28
N LEU A 259 2.24 3.79 5.89
CA LEU A 259 1.72 4.30 4.64
C LEU A 259 0.63 5.32 4.91
N THR A 260 0.69 6.45 4.20
CA THR A 260 -0.36 7.45 4.27
C THR A 260 -1.19 7.38 3.00
N ASN A 261 -2.50 7.25 3.16
CA ASN A 261 -3.40 7.11 2.03
C ASN A 261 -4.31 8.32 1.95
N GLN A 262 -5.19 8.31 0.95
CA GLN A 262 -6.15 9.39 0.72
C GLN A 262 -7.57 8.84 0.79
N VAL A 263 -8.52 9.69 0.44
CA VAL A 263 -9.93 9.33 0.50
C VAL A 263 -10.65 9.87 -0.72
N GLN A 264 -11.86 9.37 -0.93
CA GLN A 264 -12.69 9.81 -2.05
C GLN A 264 -14.13 9.86 -1.60
N SER A 265 -14.95 10.51 -2.41
CA SER A 265 -16.36 10.71 -2.12
C SER A 265 -17.19 9.72 -2.92
N ASP A 266 -18.14 9.07 -2.24
CA ASP A 266 -18.96 8.06 -2.87
C ASP A 266 -20.26 8.68 -3.36
N PRO A 267 -20.38 9.02 -4.62
CA PRO A 267 -21.64 9.56 -5.12
C PRO A 267 -22.69 8.48 -5.24
N GLY A 268 -22.39 7.30 -4.71
CA GLY A 268 -23.31 6.19 -4.78
C GLY A 268 -24.65 6.50 -4.17
N ALA A 269 -24.69 6.68 -2.85
CA ALA A 269 -25.94 6.97 -2.17
C ALA A 269 -25.63 7.33 -0.72
N SER A 270 -26.67 7.70 0.01
CA SER A 270 -26.57 8.10 1.41
C SER A 270 -27.42 7.14 2.24
N ALA A 271 -26.84 6.01 2.60
CA ALA A 271 -27.59 5.03 3.37
C ALA A 271 -26.85 4.59 4.64
N LEU A 272 -25.54 4.42 4.59
CA LEU A 272 -24.75 3.95 5.73
C LEU A 272 -23.55 4.87 5.90
N PHE A 273 -23.76 5.97 6.62
CA PHE A 273 -25.07 6.29 7.18
C PHE A 273 -25.63 7.57 6.59
N ALA A 274 -25.46 7.73 5.28
CA ALA A 274 -25.96 8.84 4.46
C ALA A 274 -25.13 10.09 4.61
N SER A 275 -24.13 10.11 5.49
CA SER A 275 -23.27 11.27 5.69
C SER A 275 -21.83 10.81 5.86
N ALA A 276 -20.97 11.74 6.25
CA ALA A 276 -19.56 11.44 6.49
C ALA A 276 -18.92 10.80 5.25
N ASP A 277 -18.87 11.59 4.19
CA ASP A 277 -18.26 11.11 2.96
C ASP A 277 -16.74 11.00 3.05
N GLY A 278 -16.11 11.65 4.04
CA GLY A 278 -14.68 11.57 4.15
C GLY A 278 -14.23 10.21 4.62
N ARG A 279 -14.53 9.18 3.84
CA ARG A 279 -14.19 7.81 4.15
C ARG A 279 -14.05 7.06 2.84
N LYS A 280 -14.04 5.74 2.91
CA LYS A 280 -13.83 4.96 1.70
C LYS A 280 -12.53 5.39 1.02
N PRO A 281 -11.40 4.99 1.53
CA PRO A 281 -10.13 5.36 0.89
C PRO A 281 -10.02 4.86 -0.54
N ILE A 282 -8.95 5.24 -1.22
CA ILE A 282 -8.70 4.78 -2.57
C ILE A 282 -7.78 3.58 -2.50
N GLY A 283 -7.75 2.81 -3.59
CA GLY A 283 -6.88 1.65 -3.69
C GLY A 283 -7.58 0.32 -3.70
N GLY A 284 -8.90 0.30 -3.87
CA GLY A 284 -9.63 -0.95 -3.98
C GLY A 284 -9.31 -1.95 -2.89
N HIS A 285 -9.68 -3.21 -3.11
CA HIS A 285 -9.42 -4.25 -2.14
C HIS A 285 -7.97 -4.69 -2.11
N VAL A 286 -7.25 -4.49 -3.20
CA VAL A 286 -5.84 -4.89 -3.24
C VAL A 286 -5.09 -4.31 -2.06
N LEU A 287 -5.33 -3.03 -1.75
CA LEU A 287 -4.63 -2.38 -0.67
C LEU A 287 -5.26 -2.64 0.68
N ALA A 288 -6.58 -2.81 0.73
CA ALA A 288 -7.23 -3.13 1.98
C ALA A 288 -6.73 -4.45 2.54
N HIS A 289 -6.65 -5.47 1.68
CA HIS A 289 -6.18 -6.77 2.14
C HIS A 289 -4.74 -6.70 2.62
N ALA A 290 -3.84 -6.24 1.74
CA ALA A 290 -2.43 -6.22 2.06
C ALA A 290 -2.11 -5.44 3.32
N SER A 291 -2.99 -4.53 3.74
CA SER A 291 -2.72 -3.67 4.88
C SER A 291 -2.99 -4.40 6.18
N ALA A 292 -2.01 -4.39 7.08
CA ALA A 292 -2.15 -5.05 8.36
C ALA A 292 -3.07 -4.26 9.29
N THR A 293 -2.74 -3.00 9.52
CA THR A 293 -3.56 -2.14 10.37
C THR A 293 -4.09 -0.97 9.56
N ARG A 294 -5.35 -0.62 9.77
CA ARG A 294 -5.98 0.50 9.09
C ARG A 294 -6.48 1.49 10.12
N ILE A 295 -6.14 2.76 9.94
CA ILE A 295 -6.58 3.81 10.84
C ILE A 295 -7.21 4.94 10.03
N LEU A 296 -8.35 5.42 10.53
CA LEU A 296 -9.09 6.50 9.90
C LEU A 296 -8.96 7.74 10.75
N LEU A 297 -8.47 8.82 10.15
CA LEU A 297 -8.33 10.10 10.84
C LEU A 297 -9.42 11.04 10.34
N ARG A 298 -10.17 11.61 11.28
CA ARG A 298 -11.29 12.46 10.96
C ARG A 298 -11.15 13.77 11.72
N LYS A 299 -11.73 14.83 11.17
CA LYS A 299 -11.70 16.14 11.79
C LYS A 299 -12.79 16.23 12.84
N GLY A 300 -12.41 16.62 14.04
CA GLY A 300 -13.36 16.67 15.14
C GLY A 300 -13.95 18.05 15.35
N ARG A 301 -13.63 18.68 16.47
CA ARG A 301 -14.06 20.04 16.76
C ARG A 301 -12.85 20.86 17.17
N GLY A 302 -12.99 22.18 17.03
CA GLY A 302 -11.89 23.07 17.31
C GLY A 302 -10.64 22.66 16.55
N ASP A 303 -9.63 22.20 17.26
CA ASP A 303 -8.41 21.70 16.64
C ASP A 303 -8.09 20.31 17.16
N GLU A 304 -9.11 19.52 17.42
CA GLU A 304 -8.97 18.14 17.84
C GLU A 304 -9.43 17.22 16.73
N ARG A 305 -8.74 16.10 16.57
CA ARG A 305 -9.08 15.12 15.57
C ARG A 305 -9.39 13.79 16.22
N VAL A 306 -10.21 13.01 15.54
CA VAL A 306 -10.66 11.71 16.01
C VAL A 306 -9.97 10.62 15.22
N ALA A 307 -9.28 9.73 15.92
CA ALA A 307 -8.68 8.56 15.30
C ALA A 307 -9.56 7.34 15.56
N LYS A 308 -9.69 6.50 14.56
CA LYS A 308 -10.48 5.29 14.65
C LYS A 308 -9.67 4.15 14.07
N LEU A 309 -9.79 2.97 14.67
CA LEU A 309 -9.02 1.80 14.24
C LEU A 309 -9.96 0.82 13.57
N GLN A 310 -9.78 0.62 12.28
CA GLN A 310 -10.73 -0.19 11.52
C GLN A 310 -10.28 -1.62 11.30
N ASP A 311 -8.99 -1.85 11.09
CA ASP A 311 -8.48 -3.17 10.77
C ASP A 311 -7.18 -3.40 11.53
N SER A 312 -7.18 -4.37 12.43
CA SER A 312 -5.97 -4.79 13.11
C SER A 312 -6.08 -6.26 13.47
N PRO A 313 -4.97 -6.98 13.48
CA PRO A 313 -5.00 -8.38 13.88
C PRO A 313 -4.91 -8.58 15.37
N ASP A 314 -4.40 -7.58 16.09
CA ASP A 314 -4.20 -7.71 17.52
C ASP A 314 -5.40 -7.19 18.32
N MET A 315 -5.67 -5.88 18.24
CA MET A 315 -6.79 -5.33 18.97
C MET A 315 -8.16 -5.55 18.29
N PRO A 316 -9.25 -5.21 19.00
CA PRO A 316 -10.59 -5.29 18.42
C PRO A 316 -10.99 -4.11 17.54
N GLU A 317 -11.08 -2.94 18.18
CA GLU A 317 -11.68 -1.72 17.63
C GLU A 317 -11.61 -0.68 18.73
N LYS A 318 -11.65 0.61 18.39
CA LYS A 318 -11.78 1.68 19.38
C LYS A 318 -11.86 3.05 18.73
N GLU A 319 -12.09 4.07 19.54
CA GLU A 319 -12.01 5.47 19.14
C GLU A 319 -10.93 6.13 19.98
N CYS A 320 -10.43 7.27 19.52
CA CYS A 320 -9.47 8.04 20.29
C CYS A 320 -9.50 9.48 19.80
N VAL A 321 -8.95 10.39 20.60
CA VAL A 321 -8.93 11.80 20.26
C VAL A 321 -7.53 12.34 20.49
N TYR A 322 -7.04 13.12 19.54
CA TYR A 322 -5.69 13.65 19.64
C TYR A 322 -5.66 15.08 19.12
N VAL A 323 -4.57 15.77 19.40
CA VAL A 323 -4.38 17.16 19.01
C VAL A 323 -3.02 17.29 18.36
N ILE A 324 -2.97 18.00 17.24
CA ILE A 324 -1.72 18.25 16.53
C ILE A 324 -1.21 19.61 16.96
N GLY A 325 -0.26 19.62 17.89
CA GLY A 325 0.26 20.87 18.39
C GLY A 325 1.58 21.24 17.76
N GLU A 326 2.49 21.78 18.55
CA GLU A 326 3.82 22.13 18.07
C GLU A 326 4.84 21.05 18.32
N LYS A 327 4.50 20.03 19.09
CA LYS A 327 5.37 18.88 19.34
C LYS A 327 4.85 17.64 18.64
N GLY A 328 4.27 17.81 17.45
CA GLY A 328 3.69 16.69 16.75
C GLY A 328 2.37 16.26 17.38
N ILE A 329 1.93 15.06 17.00
CA ILE A 329 0.70 14.53 17.55
C ILE A 329 0.82 14.46 19.06
N THR A 330 -0.22 14.92 19.76
CA THR A 330 -0.24 14.96 21.22
C THR A 330 -1.69 14.80 21.66
N ASP A 331 -1.96 15.16 22.91
CA ASP A 331 -3.30 15.03 23.46
C ASP A 331 -3.94 16.39 23.74
N ILE B 16 19.37 26.47 -14.80
CA ILE B 16 19.39 25.02 -14.74
C ILE B 16 19.66 24.45 -16.12
N LEU B 17 20.05 23.19 -16.18
CA LEU B 17 20.51 22.59 -17.42
C LEU B 17 19.33 22.16 -18.30
N SER B 18 19.51 22.30 -19.60
CA SER B 18 18.47 22.02 -20.57
C SER B 18 18.54 20.56 -21.02
N VAL B 19 17.86 20.23 -22.11
CA VAL B 19 17.90 18.88 -22.68
C VAL B 19 19.03 18.81 -23.69
N ASP B 20 19.74 19.92 -23.87
CA ASP B 20 20.87 19.94 -24.78
C ASP B 20 22.12 19.32 -24.19
N GLU B 21 22.30 19.40 -22.88
CA GLU B 21 23.47 18.81 -22.26
C GLU B 21 23.59 17.33 -22.59
N LEU B 22 22.47 16.61 -22.61
CA LEU B 22 22.49 15.19 -22.91
C LEU B 22 22.57 14.91 -24.40
N GLN B 23 22.67 15.94 -25.23
CA GLN B 23 22.93 15.76 -26.65
C GLN B 23 24.33 15.25 -26.92
N ASN B 24 25.16 15.15 -25.88
CA ASN B 24 26.58 14.82 -26.04
C ASN B 24 26.93 13.55 -25.27
N TYR B 25 25.97 12.65 -25.09
CA TYR B 25 26.24 11.39 -24.40
C TYR B 25 25.90 10.21 -25.30
N GLY B 26 26.29 10.29 -26.56
CA GLY B 26 25.94 9.25 -27.51
C GLY B 26 24.46 9.29 -27.84
N ILE B 27 23.93 10.49 -28.01
CA ILE B 27 22.53 10.68 -28.37
C ILE B 27 22.47 11.39 -29.70
N ASN B 28 21.66 10.86 -30.61
CA ASN B 28 21.46 11.52 -31.90
C ASN B 28 20.72 12.83 -31.72
N ALA B 29 21.10 13.82 -32.52
CA ALA B 29 20.38 15.08 -32.55
C ALA B 29 19.13 15.01 -33.41
N SER B 30 18.66 13.81 -33.71
CA SER B 30 17.49 13.65 -34.58
C SER B 30 16.20 13.85 -33.82
N ASP B 31 15.95 13.00 -32.82
CA ASP B 31 14.70 13.09 -32.08
C ASP B 31 14.78 14.03 -30.89
N LEU B 32 15.99 14.47 -30.50
CA LEU B 32 16.07 15.57 -29.54
C LEU B 32 15.12 16.68 -29.92
N GLN B 33 15.13 17.07 -31.20
CA GLN B 33 14.08 17.95 -31.69
C GLN B 33 12.71 17.33 -31.48
N LYS B 34 12.60 16.03 -31.70
CA LYS B 34 11.34 15.32 -31.49
C LYS B 34 10.92 15.31 -30.03
N LEU B 35 11.84 15.02 -29.12
CA LEU B 35 11.53 15.14 -27.69
C LEU B 35 11.05 16.54 -27.37
N LYS B 36 11.88 17.54 -27.68
CA LYS B 36 11.53 18.93 -27.45
C LYS B 36 10.13 19.23 -27.97
N SER B 37 9.79 18.71 -29.14
CA SER B 37 8.45 18.90 -29.66
C SER B 37 7.40 18.26 -28.77
N GLY B 38 7.75 17.17 -28.11
CA GLY B 38 6.83 16.50 -27.24
C GLY B 38 6.60 17.15 -25.89
N GLY B 39 7.25 18.29 -25.64
CA GLY B 39 7.05 18.99 -24.38
C GLY B 39 8.29 19.02 -23.52
N ILE B 40 9.20 18.09 -23.73
CA ILE B 40 10.42 18.01 -22.95
C ILE B 40 11.32 19.19 -23.31
N TYR B 41 11.83 19.88 -22.29
CA TYR B 41 12.74 20.99 -22.53
C TYR B 41 13.93 21.04 -21.60
N THR B 42 13.94 20.27 -20.52
CA THR B 42 15.10 20.16 -19.66
C THR B 42 15.36 18.68 -19.39
N VAL B 43 16.30 18.42 -18.48
CA VAL B 43 16.64 17.05 -18.14
C VAL B 43 15.74 16.51 -17.04
N ASN B 44 15.49 17.31 -16.01
CA ASN B 44 14.61 16.85 -14.93
C ASN B 44 13.29 16.35 -15.48
N THR B 45 12.67 17.14 -16.35
CA THR B 45 11.44 16.68 -16.99
C THR B 45 11.64 15.35 -17.69
N VAL B 46 12.87 15.05 -18.12
CA VAL B 46 13.15 13.74 -18.69
C VAL B 46 13.13 12.68 -17.60
N LEU B 47 13.96 12.87 -16.57
CA LEU B 47 13.98 11.90 -15.48
C LEU B 47 12.59 11.70 -14.88
N SER B 48 11.79 12.75 -14.83
CA SER B 48 10.46 12.67 -14.22
C SER B 48 9.44 12.01 -15.13
N THR B 49 9.75 11.80 -16.40
CA THR B 49 8.78 11.29 -17.36
C THR B 49 8.82 9.78 -17.39
N THR B 50 7.66 9.17 -17.56
CA THR B 50 7.55 7.72 -17.61
C THR B 50 7.84 7.19 -19.00
N ARG B 51 8.52 6.04 -19.04
CA ARG B 51 8.76 5.38 -20.31
C ARG B 51 7.47 5.23 -21.10
N ARG B 52 6.45 4.62 -20.49
CA ARG B 52 5.16 4.45 -21.15
C ARG B 52 4.73 5.75 -21.81
N HIS B 53 4.98 6.88 -21.15
CA HIS B 53 4.62 8.16 -21.73
C HIS B 53 5.63 8.62 -22.77
N LEU B 54 6.92 8.36 -22.55
CA LEU B 54 7.92 8.73 -23.54
C LEU B 54 7.72 7.99 -24.86
N CYS B 55 7.26 6.73 -24.79
CA CYS B 55 7.06 5.91 -25.96
C CYS B 55 5.74 6.22 -26.66
N LYS B 56 5.15 7.37 -26.36
CA LYS B 56 3.91 7.81 -26.99
C LYS B 56 4.09 9.12 -27.74
N ILE B 57 5.32 9.50 -28.04
CA ILE B 57 5.58 10.74 -28.78
C ILE B 57 5.61 10.50 -30.27
N LYS B 58 5.23 9.32 -30.73
CA LYS B 58 5.03 9.06 -32.16
C LYS B 58 6.33 9.28 -32.94
N GLY B 59 7.28 8.38 -32.71
CA GLY B 59 8.55 8.47 -33.40
C GLY B 59 9.79 8.32 -32.54
N LEU B 60 9.65 7.71 -31.37
CA LEU B 60 10.79 7.33 -30.56
C LEU B 60 10.76 5.83 -30.28
N SER B 61 11.93 5.22 -30.22
CA SER B 61 12.06 3.78 -30.05
C SER B 61 12.25 3.42 -28.58
N GLU B 62 11.66 2.30 -28.20
CA GLU B 62 11.75 1.82 -26.82
C GLU B 62 13.21 1.69 -26.39
N VAL B 63 14.03 1.03 -27.20
CA VAL B 63 15.47 0.99 -26.91
C VAL B 63 16.03 2.39 -26.96
N LYS B 64 15.58 3.20 -27.91
CA LYS B 64 15.96 4.60 -27.94
C LYS B 64 15.59 5.28 -26.62
N VAL B 65 14.39 5.02 -26.13
CA VAL B 65 13.96 5.63 -24.88
C VAL B 65 14.84 5.19 -23.73
N GLU B 66 15.24 3.92 -23.71
CA GLU B 66 16.11 3.44 -22.65
C GLU B 66 17.47 4.11 -22.70
N LYS B 67 18.03 4.25 -23.90
CA LYS B 67 19.28 4.97 -24.04
C LYS B 67 19.13 6.40 -23.55
N ILE B 68 18.01 7.03 -23.85
CA ILE B 68 17.77 8.40 -23.39
C ILE B 68 17.75 8.45 -21.88
N LYS B 69 17.00 7.54 -21.26
CA LYS B 69 16.90 7.51 -19.80
C LYS B 69 18.27 7.28 -19.17
N GLU B 70 19.09 6.42 -19.79
CA GLU B 70 20.42 6.18 -19.24
C GLU B 70 21.30 7.40 -19.35
N ALA B 71 21.32 8.04 -20.53
CA ALA B 71 22.05 9.29 -20.66
C ALA B 71 21.61 10.27 -19.59
N ALA B 72 20.30 10.44 -19.41
CA ALA B 72 19.80 11.35 -18.39
C ALA B 72 20.36 11.01 -17.02
N GLY B 73 20.07 9.80 -16.53
CA GLY B 73 20.64 9.37 -15.27
C GLY B 73 22.12 9.59 -15.17
N LYS B 74 22.81 9.63 -16.31
CA LYS B 74 24.24 9.95 -16.29
C LYS B 74 24.47 11.32 -15.67
N ILE B 75 23.82 12.35 -16.20
CA ILE B 75 24.09 13.72 -15.76
C ILE B 75 23.79 13.88 -14.28
N ILE B 76 22.54 13.63 -13.89
CA ILE B 76 22.12 13.78 -12.50
C ILE B 76 21.53 12.47 -12.03
N GLN B 77 21.63 12.24 -10.72
CA GLN B 77 21.12 11.04 -10.08
C GLN B 77 20.13 11.42 -8.99
N VAL B 78 19.26 10.48 -8.65
CA VAL B 78 18.24 10.67 -7.62
C VAL B 78 18.31 9.45 -6.72
N GLY B 79 19.06 9.57 -5.62
CA GLY B 79 19.21 8.45 -4.71
C GLY B 79 18.58 8.71 -3.36
N PHE B 80 19.39 8.76 -2.31
CA PHE B 80 18.91 8.99 -0.95
C PHE B 80 19.81 10.02 -0.28
N ILE B 81 19.50 11.30 -0.49
CA ILE B 81 20.13 12.36 0.27
C ILE B 81 19.85 12.06 1.74
N PRO B 82 20.80 12.22 2.65
CA PRO B 82 20.53 11.77 4.01
C PRO B 82 19.37 12.52 4.64
N ALA B 83 19.58 13.74 5.11
CA ALA B 83 18.49 14.69 5.29
C ALA B 83 18.98 16.11 5.11
N THR B 84 20.26 16.32 5.42
CA THR B 84 20.76 17.67 5.58
C THR B 84 21.01 18.34 4.24
N VAL B 85 21.56 17.59 3.28
CA VAL B 85 21.64 18.11 1.93
C VAL B 85 20.26 18.57 1.48
N GLN B 86 19.21 17.91 1.98
CA GLN B 86 17.86 18.35 1.69
C GLN B 86 17.59 19.70 2.33
N LEU B 87 17.92 19.83 3.62
CA LEU B 87 17.74 21.10 4.31
C LEU B 87 18.49 22.23 3.65
N ASP B 88 19.55 21.92 2.92
CA ASP B 88 20.36 22.94 2.27
C ASP B 88 19.85 23.28 0.89
N ILE B 89 19.49 22.26 0.10
CA ILE B 89 18.83 22.51 -1.18
C ILE B 89 17.55 23.31 -0.98
N ARG B 90 16.85 23.05 0.12
CA ARG B 90 15.64 23.80 0.43
C ARG B 90 15.96 25.20 0.91
N GLN B 91 17.23 25.53 1.12
CA GLN B 91 17.57 26.87 1.58
C GLN B 91 17.15 27.92 0.57
N ARG B 92 17.14 27.56 -0.70
CA ARG B 92 16.73 28.49 -1.76
C ARG B 92 15.23 28.34 -2.05
N VAL B 93 14.44 28.38 -0.98
CA VAL B 93 13.01 28.20 -1.15
C VAL B 93 12.34 29.50 -1.55
N TYR B 94 12.96 30.64 -1.25
CA TYR B 94 12.61 31.86 -1.94
C TYR B 94 11.16 32.27 -1.73
N SER B 95 10.79 32.60 -0.51
CA SER B 95 9.42 33.00 -0.20
C SER B 95 9.09 34.36 -0.81
N LEU B 96 7.80 34.68 -0.83
CA LEU B 96 7.30 35.93 -1.39
C LEU B 96 6.38 36.64 -0.41
N SER B 97 6.22 37.94 -0.62
CA SER B 97 5.38 38.79 0.22
C SER B 97 4.01 38.99 -0.40
N THR B 98 2.98 38.88 0.42
CA THR B 98 1.61 38.96 -0.09
C THR B 98 1.12 40.40 -0.19
N GLY B 99 1.58 41.28 0.69
CA GLY B 99 1.18 42.66 0.65
C GLY B 99 0.63 43.16 1.98
N SER B 100 0.65 42.31 2.99
CA SER B 100 0.12 42.67 4.30
C SER B 100 0.95 41.99 5.37
N LYS B 101 1.76 42.76 6.08
CA LYS B 101 2.67 42.19 7.06
C LYS B 101 1.96 41.18 7.96
N GLN B 102 0.70 41.43 8.31
CA GLN B 102 -0.02 40.48 9.15
C GLN B 102 -0.16 39.13 8.46
N LEU B 103 -0.67 39.12 7.23
CA LEU B 103 -0.78 37.87 6.50
C LEU B 103 0.58 37.24 6.26
N ASP B 104 1.51 38.00 5.68
CA ASP B 104 2.85 37.46 5.44
C ASP B 104 3.41 36.79 6.68
N SER B 105 3.28 37.43 7.83
CA SER B 105 3.74 36.79 9.06
C SER B 105 2.90 35.57 9.41
N ILE B 106 1.63 35.57 8.98
CA ILE B 106 0.78 34.40 9.23
C ILE B 106 1.11 33.25 8.31
N LEU B 107 1.94 33.47 7.29
CA LEU B 107 2.39 32.42 6.41
C LEU B 107 3.84 32.03 6.62
N GLY B 108 4.61 32.85 7.32
CA GLY B 108 6.04 32.62 7.49
C GLY B 108 6.90 33.42 6.55
N GLY B 109 6.34 34.41 5.87
CA GLY B 109 7.06 35.15 4.86
C GLY B 109 6.17 35.40 3.67
N GLY B 110 5.22 34.51 3.44
CA GLY B 110 4.28 34.67 2.35
C GLY B 110 4.11 33.44 1.50
N ILE B 111 4.03 33.63 0.19
CA ILE B 111 3.82 32.53 -0.74
C ILE B 111 5.15 31.83 -0.96
N MET B 112 5.35 30.69 -0.29
CA MET B 112 6.56 29.92 -0.50
C MET B 112 6.64 29.47 -1.95
N THR B 113 7.86 29.32 -2.45
CA THR B 113 8.08 28.87 -3.80
C THR B 113 8.09 27.35 -3.85
N MET B 114 8.10 26.82 -5.06
CA MET B 114 8.04 25.38 -5.29
C MET B 114 6.97 24.73 -4.41
N SER B 115 5.73 25.17 -4.64
CA SER B 115 4.60 24.68 -3.87
C SER B 115 3.34 25.34 -4.41
N ILE B 116 2.20 24.77 -4.04
CA ILE B 116 0.89 25.24 -4.48
C ILE B 116 0.15 25.85 -3.30
N THR B 117 -0.29 27.10 -3.48
CA THR B 117 -1.10 27.80 -2.50
C THR B 117 -2.42 28.16 -3.15
N GLU B 118 -3.52 27.76 -2.52
CA GLU B 118 -4.86 28.01 -3.02
C GLU B 118 -5.61 28.90 -2.05
N VAL B 119 -6.24 29.94 -2.58
CA VAL B 119 -7.01 30.88 -1.78
C VAL B 119 -8.43 30.85 -2.32
N PHE B 120 -9.42 30.73 -1.44
CA PHE B 120 -10.80 30.64 -1.86
C PHE B 120 -11.71 31.43 -0.92
N GLY B 121 -12.80 31.93 -1.48
CA GLY B 121 -13.80 32.61 -0.70
C GLY B 121 -14.89 33.13 -1.58
N GLU B 122 -15.93 33.68 -0.97
CA GLU B 122 -17.07 34.20 -1.69
C GLU B 122 -16.67 35.44 -2.45
N PHE B 123 -17.60 35.98 -3.22
CA PHE B 123 -17.26 37.04 -4.15
C PHE B 123 -16.74 38.26 -3.40
N ARG B 124 -16.19 39.20 -4.17
CA ARG B 124 -15.72 40.49 -3.69
C ARG B 124 -14.77 40.36 -2.51
N CYS B 125 -14.51 39.09 -2.18
CA CYS B 125 -13.79 38.64 -0.96
C CYS B 125 -12.31 38.99 -0.95
N GLY B 126 -11.75 39.43 -2.08
CA GLY B 126 -10.32 39.76 -2.04
C GLY B 126 -9.47 38.69 -2.72
N LYS B 127 -9.79 38.11 -3.92
CA LYS B 127 -8.78 37.10 -4.20
C LYS B 127 -8.18 37.30 -5.58
N THR B 128 -8.95 37.69 -6.61
CA THR B 128 -8.21 37.97 -7.89
C THR B 128 -7.54 39.34 -7.77
N GLN B 129 -7.55 39.92 -6.57
CA GLN B 129 -6.86 41.21 -6.29
C GLN B 129 -5.50 40.84 -5.71
N MET B 130 -5.50 39.92 -4.73
CA MET B 130 -4.23 39.45 -4.20
C MET B 130 -3.33 38.95 -5.31
N SER B 131 -3.90 38.36 -6.35
CA SER B 131 -3.08 37.96 -7.48
C SER B 131 -2.50 39.16 -8.20
N HIS B 132 -3.33 40.18 -8.43
CA HIS B 132 -2.84 41.40 -9.07
C HIS B 132 -1.72 42.04 -8.28
N THR B 133 -1.83 42.03 -6.95
CA THR B 133 -0.75 42.59 -6.15
C THR B 133 0.50 41.72 -6.23
N LEU B 134 0.34 40.41 -6.10
CA LEU B 134 1.48 39.50 -6.24
C LEU B 134 2.23 39.77 -7.53
N CYS B 135 1.50 39.98 -8.63
CA CYS B 135 2.15 40.28 -9.89
C CYS B 135 3.15 41.42 -9.75
N VAL B 136 2.89 42.33 -8.80
CA VAL B 136 3.75 43.50 -8.63
C VAL B 136 4.74 43.34 -7.50
N THR B 137 4.42 42.58 -6.46
CA THR B 137 5.32 42.38 -5.34
C THR B 137 6.37 41.31 -5.65
N THR B 138 6.57 41.00 -6.92
CA THR B 138 7.53 39.99 -7.32
C THR B 138 8.77 40.57 -7.99
N GLN B 139 8.62 41.66 -8.74
CA GLN B 139 9.78 42.29 -9.34
C GLN B 139 10.44 43.22 -8.33
N LEU B 140 10.72 42.70 -7.13
CA LEU B 140 11.33 43.49 -6.09
C LEU B 140 12.64 42.83 -5.68
N PRO B 141 13.54 43.57 -5.05
CA PRO B 141 14.73 42.93 -4.49
C PRO B 141 14.35 41.93 -3.42
N ARG B 142 15.11 40.84 -3.36
CA ARG B 142 14.78 39.73 -2.47
C ARG B 142 14.56 40.17 -1.04
N GLU B 143 15.24 41.24 -0.62
CA GLU B 143 15.13 41.72 0.76
C GLU B 143 13.83 42.47 1.01
N MET B 144 12.91 42.46 0.05
CA MET B 144 11.59 43.04 0.24
C MET B 144 10.47 42.02 0.26
N GLY B 145 10.73 40.77 -0.12
CA GLY B 145 9.72 39.74 -0.13
C GLY B 145 9.80 38.85 -1.36
N GLY B 146 10.10 39.46 -2.51
CA GLY B 146 10.27 38.73 -3.75
C GLY B 146 11.51 39.21 -4.48
N GLY B 147 11.83 38.51 -5.57
CA GLY B 147 12.99 38.93 -6.32
C GLY B 147 12.97 38.74 -7.83
N GLU B 148 13.09 39.86 -8.54
CA GLU B 148 13.50 39.90 -9.94
C GLU B 148 12.98 38.74 -10.77
N GLY B 149 11.74 38.34 -10.55
CA GLY B 149 11.16 37.23 -11.26
C GLY B 149 10.04 37.69 -12.19
N LYS B 150 10.01 37.13 -13.38
CA LYS B 150 8.88 37.36 -14.25
C LYS B 150 7.66 36.65 -13.69
N VAL B 151 6.52 36.81 -14.35
CA VAL B 151 5.27 36.26 -13.86
C VAL B 151 4.42 35.84 -15.04
N ALA B 152 3.85 34.65 -14.96
CA ALA B 152 2.90 34.16 -15.94
C ALA B 152 1.52 34.16 -15.33
N TYR B 153 0.54 34.64 -16.07
CA TYR B 153 -0.81 34.82 -15.57
C TYR B 153 -1.79 34.17 -16.53
N ILE B 154 -2.42 33.10 -16.08
CA ILE B 154 -3.45 32.40 -16.85
C ILE B 154 -4.79 32.76 -16.24
N ASP B 155 -5.64 33.44 -17.00
CA ASP B 155 -6.94 33.86 -16.49
C ASP B 155 -8.03 33.01 -17.11
N THR B 156 -8.97 32.55 -16.27
CA THR B 156 -10.07 31.68 -16.77
C THR B 156 -11.41 32.41 -16.67
N GLU B 157 -11.40 33.70 -16.30
CA GLU B 157 -12.65 34.43 -16.23
C GLU B 157 -12.55 35.86 -16.76
N GLY B 158 -11.50 36.20 -17.50
CA GLY B 158 -11.29 37.61 -17.74
C GLY B 158 -10.86 38.28 -16.45
N THR B 159 -11.20 39.55 -16.31
CA THR B 159 -10.95 40.30 -15.08
C THR B 159 -9.47 40.46 -14.79
N PHE B 160 -8.62 40.43 -15.82
CA PHE B 160 -7.24 40.83 -15.68
C PHE B 160 -7.11 42.25 -16.21
N ARG B 161 -6.75 43.17 -15.32
CA ARG B 161 -6.71 44.57 -15.68
C ARG B 161 -5.29 45.09 -15.57
N PRO B 162 -4.62 45.36 -16.69
CA PRO B 162 -3.27 45.94 -16.62
C PRO B 162 -3.24 47.25 -15.86
N GLU B 163 -4.30 48.07 -15.98
CA GLU B 163 -4.35 49.32 -15.25
C GLU B 163 -4.07 49.10 -13.78
N ARG B 164 -4.91 48.31 -13.11
CA ARG B 164 -4.68 47.99 -11.71
C ARG B 164 -3.23 47.65 -11.44
N ILE B 165 -2.59 46.94 -12.38
CA ILE B 165 -1.18 46.61 -12.21
C ILE B 165 -0.35 47.87 -12.13
N LYS B 166 -0.48 48.74 -13.13
CA LYS B 166 0.26 49.99 -13.12
C LYS B 166 0.00 50.77 -11.84
N GLN B 167 -1.27 50.92 -11.49
CA GLN B 167 -1.64 51.66 -10.30
C GLN B 167 -0.93 51.12 -9.07
N ILE B 168 -1.17 49.86 -8.75
CA ILE B 168 -0.54 49.26 -7.58
C ILE B 168 0.96 49.40 -7.64
N ALA B 169 1.54 49.38 -8.85
CA ALA B 169 2.98 49.55 -8.97
C ALA B 169 3.40 50.93 -8.49
N GLU B 170 2.84 51.98 -9.10
CA GLU B 170 3.15 53.32 -8.66
C GLU B 170 3.14 53.43 -7.15
N GLY B 171 2.14 52.83 -6.50
CA GLY B 171 2.14 52.76 -5.05
C GLY B 171 3.37 52.08 -4.47
N TYR B 172 4.12 51.36 -5.29
CA TYR B 172 5.42 50.84 -4.91
C TYR B 172 6.55 51.49 -5.67
N GLU B 173 6.33 52.68 -6.22
CA GLU B 173 7.32 53.52 -6.87
C GLU B 173 8.03 52.84 -8.02
N LEU B 174 7.61 51.64 -8.42
CA LEU B 174 8.21 50.97 -9.56
C LEU B 174 7.67 51.56 -10.85
N ASP B 175 8.55 51.73 -11.82
CA ASP B 175 8.10 52.18 -13.13
C ASP B 175 6.99 51.25 -13.62
N PRO B 176 5.80 51.76 -13.95
CA PRO B 176 4.75 50.86 -14.43
C PRO B 176 5.16 50.04 -15.64
N GLU B 177 5.58 50.70 -16.72
CA GLU B 177 5.96 50.01 -17.94
C GLU B 177 6.91 48.86 -17.64
N SER B 178 7.89 49.11 -16.78
CA SER B 178 8.84 48.07 -16.42
C SER B 178 8.12 46.83 -15.91
N CYS B 179 7.19 47.00 -14.97
CA CYS B 179 6.45 45.86 -14.46
C CYS B 179 5.64 45.21 -15.56
N LEU B 180 4.82 46.00 -16.25
CA LEU B 180 3.96 45.50 -17.30
C LEU B 180 4.75 44.74 -18.35
N ALA B 181 6.07 44.94 -18.39
CA ALA B 181 6.92 44.27 -19.34
C ALA B 181 7.47 42.95 -18.82
N ASN B 182 7.11 42.55 -17.60
CA ASN B 182 7.58 41.31 -17.02
C ASN B 182 6.43 40.39 -16.63
N VAL B 183 5.24 40.67 -17.12
CA VAL B 183 4.11 39.78 -16.97
C VAL B 183 3.85 39.13 -18.32
N SER B 184 3.20 37.97 -18.30
CA SER B 184 2.90 37.23 -19.52
C SER B 184 1.48 36.68 -19.41
N TYR B 185 0.57 37.20 -20.23
CA TYR B 185 -0.85 36.99 -20.03
C TYR B 185 -1.36 35.95 -21.02
N ALA B 186 -2.18 35.03 -20.53
CA ALA B 186 -2.81 34.03 -21.39
C ALA B 186 -4.25 33.82 -20.93
N ARG B 187 -5.17 33.79 -21.89
CA ARG B 187 -6.60 33.68 -21.64
C ARG B 187 -7.05 32.27 -22.00
N ALA B 188 -7.25 31.44 -20.99
CA ALA B 188 -7.60 30.03 -21.21
C ALA B 188 -9.08 29.94 -21.53
N LEU B 189 -9.40 29.57 -22.76
CA LEU B 189 -10.79 29.56 -23.21
C LEU B 189 -11.56 28.39 -22.60
N ASN B 190 -11.05 27.17 -22.73
CA ASN B 190 -11.70 26.01 -22.15
C ASN B 190 -10.68 25.11 -21.47
N SER B 191 -11.19 24.18 -20.66
CA SER B 191 -10.37 23.26 -19.85
C SER B 191 -9.24 22.61 -20.66
N GLU B 192 -9.57 22.06 -21.83
CA GLU B 192 -8.56 21.37 -22.61
C GLU B 192 -7.54 22.35 -23.16
N HIS B 193 -7.95 23.59 -23.37
CA HIS B 193 -6.99 24.62 -23.72
C HIS B 193 -6.14 25.03 -22.54
N GLN B 194 -6.75 25.16 -21.37
CA GLN B 194 -6.00 25.48 -20.17
C GLN B 194 -4.89 24.47 -19.93
N MET B 195 -5.19 23.19 -20.17
CA MET B 195 -4.19 22.15 -19.92
C MET B 195 -3.01 22.30 -20.86
N GLU B 196 -3.27 22.54 -22.14
CA GLU B 196 -2.17 22.72 -23.08
C GLU B 196 -1.35 23.96 -22.75
N LEU B 197 -1.99 24.97 -22.15
CA LEU B 197 -1.23 26.15 -21.75
C LEU B 197 -0.03 25.77 -20.89
N VAL B 198 -0.21 24.85 -19.95
CA VAL B 198 0.88 24.52 -19.03
C VAL B 198 1.96 23.74 -19.75
N GLU B 199 1.55 22.81 -20.61
CA GLU B 199 2.50 22.14 -21.48
C GLU B 199 3.42 23.15 -22.14
N GLN B 200 2.83 24.09 -22.88
CA GLN B 200 3.61 25.14 -23.51
C GLN B 200 4.51 25.81 -22.48
N LEU B 201 3.90 26.32 -21.41
CA LEU B 201 4.63 26.98 -20.35
C LEU B 201 5.96 26.30 -20.07
N GLY B 202 5.92 24.98 -19.93
CA GLY B 202 7.12 24.22 -19.60
C GLY B 202 8.34 24.59 -20.42
N GLU B 203 8.15 25.25 -21.57
CA GLU B 203 9.29 25.64 -22.40
C GLU B 203 9.92 26.94 -21.91
N GLU B 204 9.15 28.04 -21.95
CA GLU B 204 9.71 29.32 -21.55
C GLU B 204 10.10 29.34 -20.09
N LEU B 205 9.41 28.56 -19.26
CA LEU B 205 9.90 28.40 -17.90
C LEU B 205 11.31 27.83 -17.85
N SER B 206 11.76 27.22 -18.94
CA SER B 206 13.05 26.53 -18.98
C SER B 206 14.22 27.45 -19.22
N SER B 207 13.97 28.75 -19.41
CA SER B 207 15.05 29.67 -19.73
C SER B 207 14.64 31.05 -19.24
N GLY B 208 15.33 31.53 -18.21
CA GLY B 208 15.05 32.85 -17.71
C GLY B 208 14.71 32.83 -16.24
N ASP B 209 13.99 33.85 -15.79
CA ASP B 209 13.71 33.97 -14.36
C ASP B 209 12.21 34.17 -14.21
N TYR B 210 11.50 33.06 -14.05
CA TYR B 210 10.08 33.06 -13.76
C TYR B 210 9.91 32.65 -12.30
N ARG B 211 9.23 33.47 -11.52
CA ARG B 211 9.08 33.22 -10.11
C ARG B 211 7.68 32.82 -9.69
N LEU B 212 6.67 33.09 -10.51
CA LEU B 212 5.32 32.86 -10.02
C LEU B 212 4.40 32.55 -11.17
N ILE B 213 3.55 31.53 -10.98
CA ILE B 213 2.49 31.21 -11.91
C ILE B 213 1.16 31.43 -11.19
N VAL B 214 0.20 32.01 -11.89
CA VAL B 214 -1.09 32.36 -11.31
C VAL B 214 -2.18 31.74 -12.16
N VAL B 215 -3.04 30.94 -11.52
CA VAL B 215 -4.22 30.39 -12.17
C VAL B 215 -5.43 30.97 -11.47
N ASP B 216 -6.04 31.97 -12.09
CA ASP B 216 -7.25 32.60 -11.49
C ASP B 216 -8.42 31.66 -11.77
N SER B 217 -9.10 31.17 -10.72
CA SER B 217 -10.21 30.25 -10.83
C SER B 217 -9.77 29.02 -11.60
N ILE B 218 -8.87 28.24 -11.01
CA ILE B 218 -8.40 27.02 -11.66
C ILE B 218 -9.56 26.20 -12.19
N MET B 219 -10.62 26.06 -11.41
CA MET B 219 -11.69 25.13 -11.77
C MET B 219 -12.87 25.80 -12.43
N ALA B 220 -12.72 27.02 -12.93
CA ALA B 220 -13.82 27.66 -13.66
C ALA B 220 -14.26 26.79 -14.83
N ASN B 221 -13.35 26.57 -15.77
CA ASN B 221 -13.71 25.86 -17.00
C ASN B 221 -14.19 24.44 -16.70
N PHE B 222 -13.46 23.72 -15.84
CA PHE B 222 -13.84 22.35 -15.54
C PHE B 222 -15.30 22.27 -15.10
N ARG B 223 -15.72 23.22 -14.28
CA ARG B 223 -17.09 23.22 -13.79
C ARG B 223 -18.11 23.21 -14.92
N VAL B 224 -17.74 23.70 -16.09
CA VAL B 224 -18.69 23.89 -17.18
C VAL B 224 -18.53 22.79 -18.21
N ASP B 225 -17.30 22.34 -18.44
CA ASP B 225 -17.06 21.31 -19.48
C ASP B 225 -17.71 19.98 -19.08
N TYR B 226 -17.38 19.46 -17.90
CA TYR B 226 -17.87 18.16 -17.46
C TYR B 226 -18.97 18.39 -16.43
N CYS B 227 -20.17 18.65 -16.92
CA CYS B 227 -21.33 18.80 -16.06
C CYS B 227 -22.07 17.48 -16.00
N GLY B 228 -23.13 17.43 -15.19
CA GLY B 228 -23.94 16.23 -15.24
C GLY B 228 -23.32 15.01 -14.62
N ARG B 229 -23.31 14.93 -13.29
CA ARG B 229 -22.69 13.81 -12.56
C ARG B 229 -23.05 12.52 -13.30
N GLY B 230 -22.17 11.52 -13.27
CA GLY B 230 -22.19 10.47 -14.27
C GLY B 230 -21.14 10.82 -15.28
N GLU B 231 -20.65 12.05 -15.16
CA GLU B 231 -19.51 12.52 -15.93
C GLU B 231 -18.46 13.11 -14.98
N LEU B 232 -18.54 12.79 -13.70
CA LEU B 232 -17.71 13.44 -12.69
C LEU B 232 -16.30 12.84 -12.67
N SER B 233 -16.20 11.53 -12.57
CA SER B 233 -14.90 10.88 -12.45
C SER B 233 -13.95 11.38 -13.53
N GLU B 234 -14.43 11.55 -14.75
CA GLU B 234 -13.57 12.04 -15.81
C GLU B 234 -13.07 13.44 -15.51
N ARG B 235 -13.95 14.32 -15.05
CA ARG B 235 -13.53 15.67 -14.68
C ARG B 235 -12.47 15.63 -13.60
N GLN B 236 -12.69 14.83 -12.56
CA GLN B 236 -11.73 14.76 -11.47
C GLN B 236 -10.39 14.23 -11.95
N GLN B 237 -10.39 13.27 -12.87
CA GLN B 237 -9.14 12.71 -13.35
C GLN B 237 -8.38 13.74 -14.18
N LYS B 238 -9.07 14.45 -15.07
CA LYS B 238 -8.42 15.51 -15.80
C LYS B 238 -7.82 16.53 -14.86
N LEU B 239 -8.59 16.95 -13.85
CA LEU B 239 -8.09 17.93 -12.90
C LEU B 239 -6.88 17.40 -12.16
N ASN B 240 -6.87 16.11 -11.84
CA ASN B 240 -5.75 15.55 -11.11
C ASN B 240 -4.49 15.55 -11.95
N GLN B 241 -4.60 15.13 -13.21
CA GLN B 241 -3.45 15.24 -14.11
C GLN B 241 -2.94 16.66 -14.15
N HIS B 242 -3.86 17.62 -14.28
CA HIS B 242 -3.46 19.02 -14.35
C HIS B 242 -2.67 19.44 -13.11
N LEU B 243 -3.20 19.14 -11.93
CA LEU B 243 -2.53 19.55 -10.71
C LEU B 243 -1.18 18.88 -10.58
N PHE B 244 -1.09 17.61 -10.95
CA PHE B 244 0.19 16.91 -10.91
C PHE B 244 1.22 17.62 -11.76
N LYS B 245 0.84 17.95 -13.00
CA LYS B 245 1.76 18.68 -13.87
C LYS B 245 2.19 19.99 -13.23
N LEU B 246 1.23 20.73 -12.67
CA LEU B 246 1.53 22.01 -12.07
C LEU B 246 2.55 21.87 -10.96
N ASN B 247 2.37 20.86 -10.11
CA ASN B 247 3.31 20.67 -9.01
C ASN B 247 4.68 20.27 -9.52
N ARG B 248 4.72 19.40 -10.54
CA ARG B 248 6.01 19.09 -11.16
C ARG B 248 6.74 20.36 -11.57
N LEU B 249 6.06 21.22 -12.32
CA LEU B 249 6.66 22.47 -12.73
C LEU B 249 7.16 23.26 -11.52
N ALA B 250 6.27 23.50 -10.57
CA ALA B 250 6.63 24.30 -9.41
C ALA B 250 7.82 23.75 -8.67
N GLU B 251 8.05 22.45 -8.72
CA GLU B 251 9.20 21.86 -8.03
C GLU B 251 10.48 21.90 -8.83
N GLU B 252 10.44 21.63 -10.13
CA GLU B 252 11.68 21.54 -10.88
C GLU B 252 12.20 22.88 -11.37
N PHE B 253 11.41 23.95 -11.28
CA PHE B 253 11.85 25.26 -11.74
C PHE B 253 11.91 26.27 -10.60
N ASN B 254 11.77 25.83 -9.37
CA ASN B 254 11.79 26.71 -8.20
C ASN B 254 10.89 27.92 -8.45
N VAL B 255 9.63 27.63 -8.71
CA VAL B 255 8.61 28.63 -8.93
C VAL B 255 7.42 28.29 -8.05
N ALA B 256 6.63 29.29 -7.71
CA ALA B 256 5.48 29.09 -6.82
C ALA B 256 4.19 29.24 -7.59
N VAL B 257 3.20 28.39 -7.27
CA VAL B 257 1.94 28.36 -7.97
C VAL B 257 0.86 28.90 -7.05
N PHE B 258 0.07 29.82 -7.56
CA PHE B 258 -0.99 30.50 -6.80
C PHE B 258 -2.30 30.30 -7.52
N LEU B 259 -3.24 29.63 -6.86
CA LEU B 259 -4.52 29.27 -7.45
C LEU B 259 -5.64 29.98 -6.70
N THR B 260 -6.58 30.54 -7.45
CA THR B 260 -7.77 31.14 -6.88
C THR B 260 -8.95 30.21 -7.13
N ASN B 261 -9.66 29.87 -6.07
CA ASN B 261 -10.77 28.94 -6.16
C ASN B 261 -12.07 29.66 -5.83
N GLN B 262 -13.17 28.92 -5.87
CA GLN B 262 -14.50 29.45 -5.58
C GLN B 262 -15.11 28.68 -4.41
N VAL B 263 -16.38 28.95 -4.15
CA VAL B 263 -17.09 28.35 -3.03
C VAL B 263 -18.49 27.98 -3.45
N GLN B 264 -19.13 27.16 -2.64
CA GLN B 264 -20.49 26.73 -2.90
C GLN B 264 -21.25 26.63 -1.59
N SER B 265 -22.56 26.55 -1.69
CA SER B 265 -23.45 26.51 -0.54
C SER B 265 -23.88 25.08 -0.27
N ASP B 266 -23.81 24.67 0.99
CA ASP B 266 -24.15 23.30 1.36
C ASP B 266 -25.59 23.25 1.82
N PRO B 267 -26.52 22.84 0.98
CA PRO B 267 -27.90 22.71 1.44
C PRO B 267 -28.08 21.50 2.32
N GLY B 268 -26.98 20.88 2.72
CA GLY B 268 -27.02 19.70 3.55
C GLY B 268 -27.75 19.94 4.85
N ALA B 269 -27.18 20.76 5.73
CA ALA B 269 -27.81 21.05 7.01
C ALA B 269 -27.03 22.17 7.68
N SER B 270 -27.53 22.60 8.84
CA SER B 270 -26.94 23.67 9.63
C SER B 270 -26.55 23.11 10.99
N ALA B 271 -25.38 22.51 11.07
CA ALA B 271 -24.92 21.93 12.32
C ALA B 271 -23.55 22.40 12.75
N LEU B 272 -22.61 22.56 11.82
CA LEU B 272 -21.25 22.96 12.12
C LEU B 272 -20.85 24.11 11.20
N PHE B 273 -21.20 25.33 11.59
CA PHE B 273 -21.93 25.55 12.83
C PHE B 273 -23.31 26.16 12.56
N ALA B 274 -23.98 25.65 11.53
CA ALA B 274 -25.32 26.01 11.10
C ALA B 274 -25.37 27.32 10.34
N SER B 275 -24.25 28.04 10.21
CA SER B 275 -24.19 29.30 9.50
C SER B 275 -22.91 29.37 8.69
N ALA B 276 -22.63 30.55 8.15
CA ALA B 276 -21.42 30.78 7.38
C ALA B 276 -21.30 29.77 6.23
N ASP B 277 -22.25 29.88 5.30
CA ASP B 277 -22.24 29.01 4.14
C ASP B 277 -21.13 29.35 3.15
N GLY B 278 -20.54 30.53 3.24
CA GLY B 278 -19.50 30.89 2.31
C GLY B 278 -18.21 30.13 2.60
N ARG B 279 -18.29 28.81 2.50
CA ARG B 279 -17.15 27.94 2.76
C ARG B 279 -17.36 26.67 1.95
N LYS B 280 -16.62 25.63 2.26
CA LYS B 280 -16.70 24.42 1.46
C LYS B 280 -16.43 24.74 -0.01
N PRO B 281 -15.19 24.96 -0.38
CA PRO B 281 -14.88 25.25 -1.80
C PRO B 281 -15.30 24.13 -2.72
N ILE B 282 -15.16 24.34 -4.02
CA ILE B 282 -15.46 23.33 -5.01
C ILE B 282 -14.17 22.61 -5.36
N GLY B 283 -14.30 21.43 -5.96
CA GLY B 283 -13.18 20.65 -6.39
C GLY B 283 -12.93 19.38 -5.62
N GLY B 284 -13.88 18.94 -4.80
CA GLY B 284 -13.74 17.68 -4.10
C GLY B 284 -12.44 17.51 -3.37
N HIS B 285 -12.11 16.28 -3.00
CA HIS B 285 -10.88 15.99 -2.30
C HIS B 285 -9.67 16.00 -3.21
N VAL B 286 -9.87 15.79 -4.50
CA VAL B 286 -8.75 15.79 -5.44
C VAL B 286 -7.94 17.06 -5.30
N LEU B 287 -8.62 18.19 -5.19
CA LEU B 287 -7.93 19.47 -5.11
C LEU B 287 -7.51 19.80 -3.69
N ALA B 288 -8.26 19.36 -2.69
CA ALA B 288 -7.85 19.59 -1.31
C ALA B 288 -6.53 18.92 -1.02
N HIS B 289 -6.37 17.66 -1.44
CA HIS B 289 -5.13 16.95 -1.18
C HIS B 289 -3.97 17.61 -1.90
N ALA B 290 -4.08 17.77 -3.22
CA ALA B 290 -2.98 18.30 -4.01
C ALA B 290 -2.54 19.66 -3.55
N SER B 291 -3.38 20.41 -2.84
CA SER B 291 -3.06 21.77 -2.45
C SER B 291 -2.16 21.77 -1.22
N ALA B 292 -1.05 22.51 -1.32
CA ALA B 292 -0.11 22.58 -0.21
C ALA B 292 -0.65 23.48 0.89
N THR B 293 -0.98 24.72 0.55
CA THR B 293 -1.54 25.66 1.52
C THR B 293 -2.94 26.06 1.10
N ARG B 294 -3.85 26.15 2.07
CA ARG B 294 -5.23 26.55 1.82
C ARG B 294 -5.55 27.78 2.66
N ILE B 295 -6.09 28.80 2.03
CA ILE B 295 -6.47 30.02 2.72
C ILE B 295 -7.91 30.36 2.39
N LEU B 296 -8.66 30.74 3.41
CA LEU B 296 -10.07 31.11 3.29
C LEU B 296 -10.20 32.61 3.51
N LEU B 297 -10.76 33.30 2.54
CA LEU B 297 -10.99 34.72 2.62
C LEU B 297 -12.47 34.97 2.87
N ARG B 298 -12.77 35.74 3.91
CA ARG B 298 -14.14 36.00 4.31
C ARG B 298 -14.35 37.49 4.44
N LYS B 299 -15.58 37.93 4.26
CA LYS B 299 -15.95 39.33 4.37
C LYS B 299 -16.16 39.68 5.84
N GLY B 300 -15.48 40.71 6.31
CA GLY B 300 -15.56 41.09 7.70
C GLY B 300 -16.58 42.18 7.96
N ARG B 301 -16.11 43.35 8.37
CA ARG B 301 -16.95 44.51 8.57
C ARG B 301 -16.39 45.70 7.81
N GLY B 302 -17.26 46.67 7.54
CA GLY B 302 -16.86 47.82 6.76
C GLY B 302 -16.23 47.39 5.45
N ASP B 303 -14.93 47.64 5.32
CA ASP B 303 -14.18 47.21 4.14
C ASP B 303 -12.96 46.42 4.55
N GLU B 304 -13.08 45.66 5.63
CA GLU B 304 -12.02 44.79 6.09
C GLU B 304 -12.42 43.34 5.88
N ARG B 305 -11.44 42.51 5.51
CA ARG B 305 -11.69 41.10 5.29
C ARG B 305 -10.82 40.27 6.22
N VAL B 306 -11.30 39.07 6.51
CA VAL B 306 -10.66 38.15 7.43
C VAL B 306 -10.05 37.02 6.63
N ALA B 307 -8.75 36.82 6.80
CA ALA B 307 -8.05 35.69 6.21
C ALA B 307 -7.85 34.62 7.26
N LYS B 308 -8.01 33.37 6.85
CA LYS B 308 -7.82 32.23 7.74
C LYS B 308 -6.99 31.20 7.01
N LEU B 309 -6.12 30.51 7.75
CA LEU B 309 -5.22 29.54 7.16
C LEU B 309 -5.66 28.14 7.58
N GLN B 310 -6.11 27.36 6.63
CA GLN B 310 -6.72 26.08 6.97
C GLN B 310 -5.77 24.89 6.80
N ASP B 311 -4.90 24.92 5.79
CA ASP B 311 -4.03 23.80 5.50
C ASP B 311 -2.65 24.34 5.14
N SER B 312 -1.65 24.00 5.94
CA SER B 312 -0.26 24.32 5.63
C SER B 312 0.63 23.27 6.26
N PRO B 313 1.76 22.97 5.64
CA PRO B 313 2.69 22.00 6.22
C PRO B 313 3.65 22.65 7.21
N ASP B 314 3.82 23.97 7.12
CA ASP B 314 4.78 24.65 7.97
C ASP B 314 4.14 25.20 9.24
N MET B 315 3.21 26.16 9.10
CA MET B 315 2.55 26.70 10.28
C MET B 315 1.42 25.84 10.83
N PRO B 316 0.90 26.21 12.01
CA PRO B 316 -0.26 25.51 12.59
C PRO B 316 -1.61 25.92 12.03
N GLU B 317 -1.96 27.19 12.28
CA GLU B 317 -3.30 27.75 12.08
C GLU B 317 -3.24 29.19 12.55
N LYS B 318 -4.13 30.06 12.08
CA LYS B 318 -4.27 31.41 12.61
C LYS B 318 -5.39 32.17 11.93
N GLU B 319 -5.66 33.37 12.43
CA GLU B 319 -6.57 34.33 11.80
C GLU B 319 -5.76 35.57 11.46
N CYS B 320 -6.28 36.39 10.56
CA CYS B 320 -5.66 37.66 10.23
C CYS B 320 -6.71 38.58 9.62
N VAL B 321 -6.40 39.88 9.58
CA VAL B 321 -7.33 40.87 9.04
C VAL B 321 -6.57 41.76 8.09
N TYR B 322 -7.17 42.04 6.93
CA TYR B 322 -6.51 42.86 5.93
C TYR B 322 -7.54 43.76 5.25
N VAL B 323 -7.02 44.74 4.52
CA VAL B 323 -7.85 45.73 3.84
C VAL B 323 -7.36 45.84 2.40
N ILE B 324 -8.30 45.85 1.47
CA ILE B 324 -7.99 45.98 0.05
C ILE B 324 -8.14 47.46 -0.31
N GLY B 325 -7.03 48.18 -0.35
CA GLY B 325 -7.09 49.59 -0.65
C GLY B 325 -6.75 49.89 -2.09
N GLU B 326 -6.02 50.97 -2.32
CA GLU B 326 -5.60 51.34 -3.66
C GLU B 326 -4.20 50.85 -3.98
N LYS B 327 -3.47 50.32 -3.00
CA LYS B 327 -2.16 49.72 -3.22
C LYS B 327 -2.21 48.21 -3.06
N GLY B 328 -3.30 47.60 -3.47
CA GLY B 328 -3.47 46.18 -3.30
C GLY B 328 -3.77 45.83 -1.86
N ILE B 329 -3.61 44.53 -1.55
CA ILE B 329 -3.85 44.08 -0.19
C ILE B 329 -2.94 44.84 0.76
N THR B 330 -3.52 45.32 1.86
CA THR B 330 -2.78 46.10 2.86
C THR B 330 -3.42 45.84 4.22
N ASP B 331 -3.13 46.72 5.17
CA ASP B 331 -3.65 46.56 6.52
C ASP B 331 -4.65 47.65 6.88
N ILE C 16 -3.00 -45.17 10.95
CA ILE C 16 -3.05 -45.81 9.64
C ILE C 16 -1.68 -46.37 9.29
N LEU C 17 -1.66 -47.27 8.31
CA LEU C 17 -0.43 -48.00 8.01
C LEU C 17 0.51 -47.18 7.16
N SER C 18 1.81 -47.37 7.39
CA SER C 18 2.86 -46.61 6.73
C SER C 18 3.29 -47.32 5.46
N VAL C 19 4.44 -46.90 4.91
CA VAL C 19 4.99 -47.55 3.73
C VAL C 19 5.93 -48.66 4.17
N ASP C 20 6.06 -48.84 5.48
CA ASP C 20 6.90 -49.91 6.01
C ASP C 20 6.23 -51.26 5.96
N GLU C 21 4.90 -51.31 6.07
CA GLU C 21 4.20 -52.59 6.01
C GLU C 21 4.53 -53.35 4.74
N LEU C 22 4.62 -52.64 3.61
CA LEU C 22 4.93 -53.28 2.35
C LEU C 22 6.41 -53.57 2.17
N GLN C 23 7.23 -53.27 3.17
CA GLN C 23 8.64 -53.66 3.17
C GLN C 23 8.80 -55.16 3.31
N ASN C 24 7.71 -55.88 3.55
CA ASN C 24 7.77 -57.31 3.84
C ASN C 24 6.99 -58.13 2.82
N TYR C 25 6.88 -57.64 1.59
CA TYR C 25 6.18 -58.37 0.55
C TYR C 25 7.10 -58.62 -0.63
N GLY C 26 8.33 -59.02 -0.37
CA GLY C 26 9.31 -59.20 -1.41
C GLY C 26 9.74 -57.87 -2.00
N ILE C 27 9.94 -56.89 -1.14
CA ILE C 27 10.39 -55.57 -1.54
C ILE C 27 11.72 -55.29 -0.87
N ASN C 28 12.70 -54.83 -1.67
CA ASN C 28 13.99 -54.46 -1.12
C ASN C 28 13.85 -53.21 -0.25
N ALA C 29 14.62 -53.18 0.83
CA ALA C 29 14.70 -52.00 1.67
C ALA C 29 15.65 -50.95 1.10
N SER C 30 15.98 -51.06 -0.17
CA SER C 30 16.94 -50.13 -0.78
C SER C 30 16.25 -48.82 -1.18
N ASP C 31 15.28 -48.90 -2.08
CA ASP C 31 14.62 -47.70 -2.57
C ASP C 31 13.42 -47.29 -1.72
N LEU C 32 12.95 -48.17 -0.82
CA LEU C 32 11.99 -47.72 0.18
C LEU C 32 12.43 -46.41 0.79
N GLN C 33 13.70 -46.32 1.19
CA GLN C 33 14.25 -45.04 1.56
C GLN C 33 14.15 -44.06 0.41
N LYS C 34 14.38 -44.52 -0.81
CA LYS C 34 14.26 -43.68 -1.99
C LYS C 34 12.83 -43.21 -2.22
N LEU C 35 11.86 -44.11 -2.13
CA LEU C 35 10.46 -43.69 -2.20
C LEU C 35 10.17 -42.64 -1.15
N LYS C 36 10.41 -42.99 0.12
CA LYS C 36 10.20 -42.07 1.22
C LYS C 36 10.81 -40.71 0.92
N SER C 37 12.00 -40.69 0.33
CA SER C 37 12.62 -39.42 -0.05
C SER C 37 11.80 -38.70 -1.09
N GLY C 38 11.12 -39.45 -1.96
CA GLY C 38 10.32 -38.84 -2.98
C GLY C 38 8.99 -38.28 -2.53
N GLY C 39 8.68 -38.36 -1.23
CA GLY C 39 7.45 -37.81 -0.73
C GLY C 39 6.50 -38.87 -0.20
N ILE C 40 6.66 -40.10 -0.65
CA ILE C 40 5.79 -41.19 -0.22
C ILE C 40 6.08 -41.52 1.23
N TYR C 41 5.04 -41.62 2.04
CA TYR C 41 5.19 -41.98 3.44
C TYR C 41 4.18 -42.99 3.95
N THR C 42 3.11 -43.26 3.22
CA THR C 42 2.17 -44.30 3.58
C THR C 42 1.89 -45.15 2.35
N VAL C 43 0.92 -46.04 2.49
CA VAL C 43 0.57 -46.92 1.37
C VAL C 43 -0.47 -46.28 0.47
N ASN C 44 -1.48 -45.63 1.05
CA ASN C 44 -2.49 -44.98 0.24
C ASN C 44 -1.85 -44.04 -0.76
N THR C 45 -0.95 -43.19 -0.29
CA THR C 45 -0.22 -42.31 -1.20
C THR C 45 0.47 -43.10 -2.29
N VAL C 46 0.81 -44.36 -2.02
CA VAL C 46 1.36 -45.21 -3.08
C VAL C 46 0.29 -45.57 -4.08
N LEU C 47 -0.80 -46.18 -3.60
CA LEU C 47 -1.88 -46.54 -4.49
C LEU C 47 -2.38 -45.35 -5.28
N SER C 48 -2.37 -44.16 -4.68
CA SER C 48 -2.89 -42.97 -5.34
C SER C 48 -1.92 -42.38 -6.34
N THR C 49 -0.67 -42.83 -6.35
CA THR C 49 0.35 -42.23 -7.18
C THR C 49 0.39 -42.91 -8.54
N THR C 50 0.65 -42.12 -9.58
CA THR C 50 0.69 -42.66 -10.94
C THR C 50 2.07 -43.23 -11.24
N ARG C 51 2.06 -44.33 -11.99
CA ARG C 51 3.33 -44.90 -12.46
C ARG C 51 4.20 -43.84 -13.10
N ARG C 52 3.67 -43.16 -14.12
CA ARG C 52 4.42 -42.10 -14.79
C ARG C 52 5.10 -41.20 -13.78
N HIS C 53 4.42 -40.90 -12.68
CA HIS C 53 5.01 -40.07 -11.64
C HIS C 53 5.98 -40.85 -10.77
N LEU C 54 5.68 -42.11 -10.46
CA LEU C 54 6.60 -42.91 -9.67
C LEU C 54 7.91 -43.13 -10.39
N CYS C 55 7.89 -43.24 -11.71
CA CYS C 55 9.09 -43.48 -12.51
C CYS C 55 9.86 -42.20 -12.76
N LYS C 56 9.60 -41.16 -11.98
CA LYS C 56 10.32 -39.90 -12.09
C LYS C 56 11.04 -39.54 -10.80
N ILE C 57 11.25 -40.51 -9.92
CA ILE C 57 11.96 -40.27 -8.67
C ILE C 57 13.46 -40.49 -8.82
N LYS C 58 13.95 -40.67 -10.04
CA LYS C 58 15.38 -40.69 -10.31
C LYS C 58 16.08 -41.82 -9.53
N GLY C 59 15.79 -43.04 -9.96
CA GLY C 59 16.39 -44.19 -9.31
C GLY C 59 15.44 -45.31 -8.95
N LEU C 60 14.29 -45.38 -9.59
CA LEU C 60 13.40 -46.53 -9.48
C LEU C 60 13.14 -47.11 -10.86
N SER C 61 13.00 -48.44 -10.92
CA SER C 61 12.82 -49.15 -12.17
C SER C 61 11.35 -49.39 -12.46
N GLU C 62 11.01 -49.31 -13.76
CA GLU C 62 9.63 -49.51 -14.18
C GLU C 62 9.10 -50.86 -13.70
N VAL C 63 9.85 -51.93 -13.93
CA VAL C 63 9.47 -53.23 -13.36
C VAL C 63 9.47 -53.14 -11.84
N LYS C 64 10.46 -52.44 -11.27
CA LYS C 64 10.44 -52.20 -9.85
C LYS C 64 9.15 -51.51 -9.43
N VAL C 65 8.74 -50.49 -10.20
CA VAL C 65 7.52 -49.76 -9.87
C VAL C 65 6.32 -50.69 -9.93
N GLU C 66 6.28 -51.58 -10.91
CA GLU C 66 5.16 -52.50 -11.01
C GLU C 66 5.12 -53.46 -9.83
N LYS C 67 6.28 -53.97 -9.43
CA LYS C 67 6.33 -54.81 -8.23
C LYS C 67 5.84 -54.04 -7.02
N ILE C 68 6.21 -52.76 -6.91
CA ILE C 68 5.76 -51.94 -5.79
C ILE C 68 4.26 -51.81 -5.81
N LYS C 69 3.69 -51.48 -6.97
CA LYS C 69 2.25 -51.32 -7.08
C LYS C 69 1.53 -52.61 -6.73
N GLU C 70 2.08 -53.75 -7.14
CA GLU C 70 1.46 -55.03 -6.82
C GLU C 70 1.51 -55.31 -5.33
N ALA C 71 2.67 -55.14 -4.70
CA ALA C 71 2.74 -55.25 -3.26
C ALA C 71 1.70 -54.37 -2.59
N ALA C 72 1.61 -53.11 -3.01
CA ALA C 72 0.63 -52.20 -2.42
C ALA C 72 -0.78 -52.77 -2.54
N GLY C 73 -1.24 -53.01 -3.78
CA GLY C 73 -2.53 -53.61 -3.97
C GLY C 73 -2.74 -54.87 -3.15
N LYS C 74 -1.65 -55.54 -2.77
CA LYS C 74 -1.77 -56.69 -1.87
C LYS C 74 -2.41 -56.29 -0.56
N ILE C 75 -1.84 -55.28 0.12
CA ILE C 75 -2.30 -54.92 1.45
C ILE C 75 -3.76 -54.50 1.42
N ILE C 76 -4.06 -53.45 0.66
CA ILE C 76 -5.42 -52.92 0.57
C ILE C 76 -5.85 -52.92 -0.89
N GLN C 77 -7.16 -53.02 -1.10
CA GLN C 77 -7.75 -53.04 -2.42
C GLN C 77 -8.77 -51.92 -2.54
N VAL C 78 -9.05 -51.52 -3.77
CA VAL C 78 -10.00 -50.45 -4.07
C VAL C 78 -10.91 -50.98 -5.17
N GLY C 79 -12.05 -51.53 -4.79
CA GLY C 79 -12.97 -52.09 -5.75
C GLY C 79 -14.28 -51.33 -5.84
N PHE C 80 -15.37 -51.98 -5.47
CA PHE C 80 -16.70 -51.37 -5.52
C PHE C 80 -17.43 -51.70 -4.22
N ILE C 81 -17.22 -50.90 -3.19
CA ILE C 81 -18.03 -50.96 -1.99
C ILE C 81 -19.47 -50.75 -2.43
N PRO C 82 -20.44 -51.49 -1.91
CA PRO C 82 -21.78 -51.35 -2.49
C PRO C 82 -22.33 -49.94 -2.32
N ALA C 83 -22.81 -49.58 -1.14
CA ALA C 83 -22.91 -48.18 -0.75
C ALA C 83 -22.79 -48.03 0.75
N THR C 84 -23.18 -49.08 1.47
CA THR C 84 -23.39 -48.95 2.91
C THR C 84 -22.06 -48.97 3.65
N VAL C 85 -21.15 -49.84 3.24
CA VAL C 85 -19.80 -49.78 3.80
C VAL C 85 -19.26 -48.36 3.63
N GLN C 86 -19.69 -47.67 2.58
CA GLN C 86 -19.31 -46.28 2.41
C GLN C 86 -19.94 -45.42 3.49
N LEU C 87 -21.24 -45.59 3.71
CA LEU C 87 -21.93 -44.83 4.76
C LEU C 87 -21.32 -45.07 6.13
N ASP C 88 -20.67 -46.22 6.32
CA ASP C 88 -20.08 -46.54 7.61
C ASP C 88 -18.66 -46.02 7.74
N ILE C 89 -17.85 -46.18 6.70
CA ILE C 89 -16.53 -45.55 6.69
C ILE C 89 -16.65 -44.05 6.86
N ARG C 90 -17.69 -43.46 6.29
CA ARG C 90 -17.92 -42.03 6.45
C ARG C 90 -18.43 -41.67 7.83
N GLN C 91 -18.72 -42.68 8.67
CA GLN C 91 -19.22 -42.40 10.00
C GLN C 91 -18.19 -41.63 10.81
N ARG C 92 -16.91 -41.85 10.53
CA ARG C 92 -15.83 -41.14 11.22
C ARG C 92 -15.44 -39.88 10.46
N VAL C 93 -16.46 -39.08 10.13
CA VAL C 93 -16.20 -37.87 9.36
C VAL C 93 -15.75 -36.74 10.27
N TYR C 94 -16.10 -36.80 11.55
CA TYR C 94 -15.38 -36.00 12.53
C TYR C 94 -15.49 -34.51 12.27
N SER C 95 -16.70 -33.95 12.38
CA SER C 95 -16.91 -32.53 12.15
C SER C 95 -16.29 -31.69 13.27
N LEU C 96 -16.18 -30.39 13.01
CA LEU C 96 -15.59 -29.44 13.94
C LEU C 96 -16.51 -28.25 14.16
N SER C 97 -16.28 -27.56 15.28
CA SER C 97 -17.08 -26.40 15.66
C SER C 97 -16.36 -25.11 15.29
N THR C 98 -17.11 -24.18 14.71
CA THR C 98 -16.51 -22.93 14.22
C THR C 98 -16.38 -21.88 15.32
N GLY C 99 -17.29 -21.88 16.29
CA GLY C 99 -17.24 -20.92 17.37
C GLY C 99 -18.51 -20.14 17.53
N SER C 100 -19.53 -20.46 16.74
CA SER C 100 -20.80 -19.74 16.81
C SER C 100 -21.92 -20.72 16.49
N LYS C 101 -22.69 -21.07 17.52
CA LYS C 101 -23.73 -22.09 17.34
C LYS C 101 -24.58 -21.82 16.12
N GLN C 102 -24.84 -20.55 15.79
CA GLN C 102 -25.63 -20.26 14.60
C GLN C 102 -24.91 -20.76 13.35
N LEU C 103 -23.65 -20.37 13.16
CA LEU C 103 -22.92 -20.84 12.00
C LEU C 103 -22.77 -22.35 12.02
N ASP C 104 -22.25 -22.91 13.12
CA ASP C 104 -22.10 -24.35 13.22
C ASP C 104 -23.37 -25.08 12.79
N SER C 105 -24.52 -24.62 13.27
CA SER C 105 -25.78 -25.23 12.86
C SER C 105 -26.05 -24.97 11.39
N ILE C 106 -25.54 -23.85 10.85
CA ILE C 106 -25.73 -23.56 9.44
C ILE C 106 -24.83 -24.41 8.57
N LEU C 107 -23.87 -25.13 9.15
CA LEU C 107 -23.01 -26.03 8.42
C LEU C 107 -23.32 -27.50 8.68
N GLY C 108 -24.08 -27.80 9.72
CA GLY C 108 -24.34 -29.17 10.11
C GLY C 108 -23.47 -29.67 11.23
N GLY C 109 -22.75 -28.78 11.91
CA GLY C 109 -21.81 -29.18 12.92
C GLY C 109 -20.55 -28.34 12.82
N GLY C 110 -20.26 -27.88 11.61
CA GLY C 110 -19.12 -27.02 11.40
C GLY C 110 -18.25 -27.44 10.24
N ILE C 111 -16.93 -27.37 10.43
CA ILE C 111 -15.98 -27.70 9.37
C ILE C 111 -15.85 -29.22 9.30
N MET C 112 -16.53 -29.84 8.34
CA MET C 112 -16.40 -31.28 8.16
C MET C 112 -14.95 -31.63 7.83
N THR C 113 -14.55 -32.82 8.24
CA THR C 113 -13.21 -33.30 7.97
C THR C 113 -13.15 -33.95 6.60
N MET C 114 -11.94 -34.26 6.16
CA MET C 114 -11.69 -34.83 4.84
C MET C 114 -12.50 -34.10 3.78
N SER C 115 -12.19 -32.80 3.65
CA SER C 115 -12.87 -31.94 2.69
C SER C 115 -12.26 -30.55 2.78
N ILE C 116 -12.55 -29.75 1.76
CA ILE C 116 -12.02 -28.40 1.64
C ILE C 116 -13.14 -27.39 1.85
N THR C 117 -12.94 -26.48 2.79
CA THR C 117 -13.86 -25.39 3.05
C THR C 117 -13.13 -24.07 2.84
N GLU C 118 -13.68 -23.22 2.00
CA GLU C 118 -13.09 -21.93 1.67
C GLU C 118 -14.01 -20.82 2.12
N VAL C 119 -13.45 -19.84 2.81
CA VAL C 119 -14.19 -18.69 3.31
C VAL C 119 -13.55 -17.46 2.69
N PHE C 120 -14.37 -16.56 2.14
CA PHE C 120 -13.85 -15.38 1.48
C PHE C 120 -14.73 -14.17 1.78
N GLY C 121 -14.11 -13.00 1.79
CA GLY C 121 -14.82 -11.77 1.97
C GLY C 121 -13.86 -10.60 2.00
N GLU C 122 -14.41 -9.40 2.03
CA GLU C 122 -13.61 -8.20 2.04
C GLU C 122 -12.89 -8.07 3.36
N PHE C 123 -12.04 -7.05 3.48
CA PHE C 123 -11.15 -6.96 4.61
C PHE C 123 -11.94 -6.87 5.91
N ARG C 124 -11.21 -7.00 7.02
CA ARG C 124 -11.74 -6.86 8.37
C ARG C 124 -12.98 -7.70 8.62
N CYS C 125 -13.17 -8.73 7.79
CA CYS C 125 -14.42 -9.54 7.79
C CYS C 125 -14.37 -10.83 8.61
N GLY C 126 -13.72 -10.85 9.78
CA GLY C 126 -13.72 -12.11 10.58
C GLY C 126 -13.17 -13.28 9.78
N LYS C 127 -12.08 -13.09 9.04
CA LYS C 127 -11.49 -14.19 8.21
C LYS C 127 -10.42 -14.93 9.02
N THR C 128 -9.20 -14.39 8.98
CA THR C 128 -8.03 -14.90 9.74
C THR C 128 -8.44 -15.13 11.20
N GLN C 129 -9.49 -14.43 11.64
CA GLN C 129 -9.97 -14.57 13.03
C GLN C 129 -10.58 -15.96 13.20
N MET C 130 -11.40 -16.38 12.24
CA MET C 130 -12.01 -17.70 12.32
C MET C 130 -10.97 -18.79 12.29
N SER C 131 -9.88 -18.59 11.55
CA SER C 131 -8.81 -19.57 11.57
C SER C 131 -8.14 -19.62 12.93
N HIS C 132 -7.85 -18.46 13.51
CA HIS C 132 -7.25 -18.41 14.84
C HIS C 132 -8.13 -19.11 15.86
N THR C 133 -9.44 -18.93 15.77
CA THR C 133 -10.33 -19.63 16.71
C THR C 133 -10.32 -21.12 16.46
N LEU C 134 -10.43 -21.53 15.19
CA LEU C 134 -10.36 -22.95 14.86
C LEU C 134 -9.13 -23.60 15.47
N CYS C 135 -7.99 -22.91 15.39
CA CYS C 135 -6.77 -23.45 15.97
C CYS C 135 -6.99 -23.85 17.42
N VAL C 136 -7.92 -23.18 18.11
CA VAL C 136 -8.16 -23.44 19.52
C VAL C 136 -9.36 -24.35 19.76
N THR C 137 -10.37 -24.31 18.90
CA THR C 137 -11.54 -25.15 19.07
C THR C 137 -11.31 -26.56 18.55
N THR C 138 -10.04 -26.95 18.40
CA THR C 138 -9.71 -28.28 17.91
C THR C 138 -9.13 -29.18 18.98
N GLN C 139 -8.37 -28.64 19.93
CA GLN C 139 -7.86 -29.45 21.02
C GLN C 139 -8.92 -29.59 22.10
N LEU C 140 -10.13 -29.99 21.71
CA LEU C 140 -11.21 -30.15 22.65
C LEU C 140 -11.70 -31.58 22.59
N PRO C 141 -12.40 -32.04 23.62
CA PRO C 141 -13.04 -33.36 23.54
C PRO C 141 -14.07 -33.37 22.44
N ARG C 142 -14.18 -34.52 21.76
CA ARG C 142 -15.04 -34.64 20.59
C ARG C 142 -16.46 -34.16 20.85
N GLU C 143 -16.93 -34.30 22.09
CA GLU C 143 -18.29 -33.91 22.43
C GLU C 143 -18.46 -32.41 22.56
N MET C 144 -17.44 -31.64 22.18
CA MET C 144 -17.55 -30.19 22.13
C MET C 144 -17.48 -29.61 20.74
N GLY C 145 -17.11 -30.40 19.74
CA GLY C 145 -17.03 -29.93 18.37
C GLY C 145 -15.80 -30.44 17.65
N GLY C 146 -14.69 -30.54 18.35
CA GLY C 146 -13.46 -31.07 17.82
C GLY C 146 -12.81 -32.03 18.79
N GLY C 147 -11.75 -32.69 18.34
CA GLY C 147 -11.07 -33.60 19.24
C GLY C 147 -9.57 -33.74 19.10
N GLU C 148 -8.87 -33.43 20.20
CA GLU C 148 -7.50 -33.86 20.45
C GLU C 148 -6.63 -33.94 19.21
N GLY C 149 -6.77 -32.97 18.31
CA GLY C 149 -6.01 -32.96 17.08
C GLY C 149 -5.02 -31.82 17.06
N LYS C 150 -3.82 -32.10 16.58
CA LYS C 150 -2.87 -31.03 16.33
C LYS C 150 -3.35 -30.20 15.14
N VAL C 151 -2.61 -29.15 14.84
CA VAL C 151 -3.01 -28.21 13.80
C VAL C 151 -1.78 -27.69 13.09
N ALA C 152 -1.81 -27.69 11.77
CA ALA C 152 -0.76 -27.11 10.95
C ALA C 152 -1.28 -25.82 10.35
N TYR C 153 -0.47 -24.77 10.39
CA TYR C 153 -0.88 -23.45 9.96
C TYR C 153 0.15 -22.90 8.99
N ILE C 154 -0.24 -22.75 7.73
CA ILE C 154 0.58 -22.17 6.69
C ILE C 154 0.08 -20.77 6.43
N ASP C 155 0.88 -19.75 6.72
CA ASP C 155 0.46 -18.38 6.52
C ASP C 155 1.16 -17.79 5.30
N THR C 156 0.39 -17.09 4.46
CA THR C 156 0.99 -16.49 3.24
C THR C 156 0.97 -14.96 3.33
N GLU C 157 0.59 -14.40 4.48
CA GLU C 157 0.59 -12.95 4.61
C GLU C 157 1.11 -12.48 5.96
N GLY C 158 1.77 -13.32 6.74
CA GLY C 158 1.99 -12.93 8.11
C GLY C 158 0.67 -12.96 8.86
N THR C 159 0.55 -12.09 9.86
CA THR C 159 -0.69 -11.93 10.59
C THR C 159 -1.08 -13.18 11.36
N PHE C 160 -0.12 -14.01 11.73
CA PHE C 160 -0.36 -15.09 12.67
C PHE C 160 0.15 -14.63 14.03
N ARG C 161 -0.76 -14.51 15.00
CA ARG C 161 -0.41 -13.97 16.30
C ARG C 161 -0.61 -15.03 17.36
N PRO C 162 0.45 -15.58 17.93
CA PRO C 162 0.28 -16.55 19.02
C PRO C 162 -0.49 -15.97 20.19
N GLU C 163 -0.30 -14.68 20.48
CA GLU C 163 -1.02 -14.05 21.57
C GLU C 163 -2.51 -14.31 21.45
N ARG C 164 -3.11 -13.86 20.34
CA ARG C 164 -4.53 -14.11 20.10
C ARG C 164 -4.88 -15.55 20.41
N ILE C 165 -4.00 -16.47 20.07
CA ILE C 165 -4.26 -17.88 20.36
C ILE C 165 -4.40 -18.09 21.86
N LYS C 166 -3.40 -17.66 22.61
CA LYS C 166 -3.46 -17.80 24.06
C LYS C 166 -4.73 -17.17 24.62
N GLN C 167 -4.99 -15.94 24.19
CA GLN C 167 -6.16 -15.20 24.68
C GLN C 167 -7.43 -16.00 24.45
N ILE C 168 -7.73 -16.31 23.19
CA ILE C 168 -8.93 -17.06 22.88
C ILE C 168 -8.97 -18.36 23.65
N ALA C 169 -7.81 -18.96 23.91
CA ALA C 169 -7.80 -20.19 24.68
C ALA C 169 -8.31 -19.96 26.09
N GLU C 170 -7.66 -19.05 26.82
CA GLU C 170 -8.13 -18.73 28.16
C GLU C 170 -9.64 -18.58 28.20
N GLY C 171 -10.21 -17.89 27.22
CA GLY C 171 -11.65 -17.84 27.10
C GLY C 171 -12.32 -19.19 26.99
N TYR C 172 -11.54 -20.23 26.68
CA TYR C 172 -12.02 -21.61 26.74
C TYR C 172 -11.34 -22.39 27.85
N GLU C 173 -10.78 -21.72 28.85
CA GLU C 173 -10.21 -22.29 30.06
C GLU C 173 -9.10 -23.31 29.76
N LEU C 174 -8.67 -23.44 28.52
CA LEU C 174 -7.57 -24.34 28.21
C LEU C 174 -6.24 -23.69 28.56
N ASP C 175 -5.34 -24.46 29.11
CA ASP C 175 -4.01 -23.94 29.37
C ASP C 175 -3.43 -23.37 28.08
N PRO C 176 -3.02 -22.10 28.05
CA PRO C 176 -2.48 -21.56 26.80
C PRO C 176 -1.29 -22.35 26.28
N GLU C 177 -0.25 -22.51 27.09
CA GLU C 177 0.95 -23.23 26.66
C GLU C 177 0.59 -24.55 26.01
N SER C 178 -0.33 -25.29 26.63
CA SER C 178 -0.76 -26.56 26.07
C SER C 178 -1.21 -26.41 24.63
N CYS C 179 -2.09 -25.44 24.37
CA CYS C 179 -2.55 -25.23 22.99
C CYS C 179 -1.38 -24.84 22.09
N LEU C 180 -0.64 -23.81 22.50
CA LEU C 180 0.47 -23.31 21.71
C LEU C 180 1.47 -24.41 21.40
N ALA C 181 1.41 -25.51 22.14
CA ALA C 181 2.31 -26.63 21.92
C ALA C 181 1.75 -27.65 20.94
N ASN C 182 0.56 -27.42 20.39
CA ASN C 182 -0.04 -28.35 19.44
C ASN C 182 -0.35 -27.68 18.12
N VAL C 183 0.22 -26.50 17.88
CA VAL C 183 0.16 -25.86 16.58
C VAL C 183 1.53 -25.99 15.93
N SER C 184 1.56 -25.89 14.61
CA SER C 184 2.80 -26.01 13.84
C SER C 184 2.79 -24.96 12.76
N TYR C 185 3.66 -23.96 12.85
CA TYR C 185 3.56 -22.76 12.05
C TYR C 185 4.59 -22.79 10.94
N ALA C 186 4.16 -22.42 9.73
CA ALA C 186 5.06 -22.32 8.59
C ALA C 186 4.71 -21.09 7.78
N ARG C 187 5.73 -20.33 7.39
CA ARG C 187 5.57 -19.08 6.67
C ARG C 187 5.98 -19.29 5.23
N ALA C 188 4.99 -19.40 4.35
CA ALA C 188 5.23 -19.69 2.94
C ALA C 188 5.65 -18.42 2.24
N LEU C 189 6.92 -18.36 1.81
CA LEU C 189 7.45 -17.14 1.23
C LEU C 189 6.90 -16.91 -0.18
N ASN C 190 7.01 -17.89 -1.06
CA ASN C 190 6.47 -17.76 -2.41
C ASN C 190 5.73 -19.02 -2.81
N SER C 191 4.92 -18.94 -3.87
CA SER C 191 4.07 -20.09 -4.27
C SER C 191 4.85 -21.39 -4.45
N GLU C 192 6.03 -21.35 -5.09
CA GLU C 192 6.74 -22.60 -5.26
C GLU C 192 7.20 -23.13 -3.92
N HIS C 193 7.44 -22.25 -2.97
CA HIS C 193 7.72 -22.70 -1.61
C HIS C 193 6.49 -23.23 -0.92
N GLN C 194 5.36 -22.54 -1.10
CA GLN C 194 4.10 -23.01 -0.54
C GLN C 194 3.79 -24.42 -0.99
N MET C 195 4.06 -24.72 -2.26
CA MET C 195 3.74 -26.04 -2.79
C MET C 195 4.60 -27.11 -2.11
N GLU C 196 5.89 -26.86 -1.97
CA GLU C 196 6.75 -27.82 -1.31
C GLU C 196 6.37 -28.01 0.15
N LEU C 197 5.81 -26.97 0.78
CA LEU C 197 5.35 -27.13 2.14
C LEU C 197 4.41 -28.32 2.29
N VAL C 198 3.49 -28.49 1.34
CA VAL C 198 2.50 -29.56 1.48
C VAL C 198 3.14 -30.91 1.25
N GLU C 199 4.05 -30.99 0.27
CA GLU C 199 4.84 -32.20 0.10
C GLU C 199 5.45 -32.63 1.42
N GLN C 200 6.21 -31.74 2.04
CA GLN C 200 6.78 -32.04 3.35
C GLN C 200 5.69 -32.50 4.30
N LEU C 201 4.66 -31.67 4.46
CA LEU C 201 3.54 -31.99 5.35
C LEU C 201 3.18 -33.46 5.28
N GLY C 202 3.05 -33.97 4.07
CA GLY C 202 2.65 -35.36 3.87
C GLY C 202 3.39 -36.35 4.76
N GLU C 203 4.53 -35.97 5.31
CA GLU C 203 5.28 -36.88 6.18
C GLU C 203 4.74 -36.87 7.60
N GLU C 204 4.83 -35.71 8.27
CA GLU C 204 4.40 -35.64 9.66
C GLU C 204 2.90 -35.89 9.78
N LEU C 205 2.13 -35.56 8.76
CA LEU C 205 0.74 -35.98 8.78
C LEU C 205 0.59 -37.50 8.86
N SER C 206 1.65 -38.23 8.54
CA SER C 206 1.61 -39.68 8.46
C SER C 206 1.77 -40.37 9.80
N SER C 207 1.96 -39.61 10.88
CA SER C 207 2.21 -40.20 12.18
C SER C 207 1.74 -39.22 13.24
N GLY C 208 0.66 -39.58 13.93
CA GLY C 208 0.17 -38.73 14.98
C GLY C 208 -1.28 -38.34 14.79
N ASP C 209 -1.68 -37.23 15.39
CA ASP C 209 -3.08 -36.84 15.32
C ASP C 209 -3.12 -35.38 14.86
N TYR C 210 -3.23 -35.22 13.55
CA TYR C 210 -3.43 -33.91 12.93
C TYR C 210 -4.87 -33.85 12.44
N ARG C 211 -5.59 -32.84 12.88
CA ARG C 211 -7.01 -32.72 12.54
C ARG C 211 -7.31 -31.61 11.56
N LEU C 212 -6.43 -30.63 11.40
CA LEU C 212 -6.83 -29.48 10.61
C LEU C 212 -5.62 -28.84 9.98
N ILE C 213 -5.74 -28.50 8.69
CA ILE C 213 -4.74 -27.73 7.97
C ILE C 213 -5.37 -26.41 7.58
N VAL C 214 -4.60 -25.33 7.73
CA VAL C 214 -5.09 -23.98 7.48
C VAL C 214 -4.18 -23.31 6.48
N VAL C 215 -4.74 -22.83 5.37
CA VAL C 215 -4.02 -22.05 4.39
C VAL C 215 -4.64 -20.66 4.38
N ASP C 216 -3.98 -19.72 5.05
CA ASP C 216 -4.50 -18.33 5.08
C ASP C 216 -4.13 -17.70 3.74
N SER C 217 -5.14 -17.23 2.99
CA SER C 217 -4.94 -16.62 1.68
C SER C 217 -4.20 -17.59 0.78
N ILE C 218 -4.85 -18.70 0.43
CA ILE C 218 -4.23 -19.68 -0.45
C ILE C 218 -3.61 -19.01 -1.66
N MET C 219 -4.32 -18.07 -2.27
CA MET C 219 -3.89 -17.52 -3.55
C MET C 219 -3.14 -16.20 -3.42
N ALA C 220 -2.66 -15.85 -2.23
CA ALA C 220 -1.87 -14.64 -2.10
C ALA C 220 -0.66 -14.67 -3.03
N ASN C 221 0.22 -15.65 -2.83
CA ASN C 221 1.47 -15.69 -3.58
C ASN C 221 1.21 -15.86 -5.07
N PHE C 222 0.32 -16.77 -5.43
CA PHE C 222 0.04 -16.99 -6.85
C PHE C 222 -0.30 -15.69 -7.56
N ARG C 223 -1.09 -14.83 -6.91
CA ARG C 223 -1.49 -13.58 -7.51
C ARG C 223 -0.30 -12.73 -7.91
N VAL C 224 0.85 -12.93 -7.27
CA VAL C 224 2.00 -12.06 -7.46
C VAL C 224 3.02 -12.72 -8.36
N ASP C 225 3.17 -14.04 -8.23
CA ASP C 225 4.19 -14.78 -9.02
C ASP C 225 3.86 -14.72 -10.52
N TYR C 226 2.66 -15.17 -10.89
CA TYR C 226 2.25 -15.25 -12.29
C TYR C 226 1.30 -14.11 -12.58
N CYS C 227 1.86 -12.93 -12.84
CA CYS C 227 1.09 -11.77 -13.23
C CYS C 227 1.08 -11.66 -14.73
N GLY C 228 0.35 -10.68 -15.26
CA GLY C 228 0.46 -10.45 -16.68
C GLY C 228 -0.19 -11.51 -17.55
N ARG C 229 -1.51 -11.47 -17.66
CA ARG C 229 -2.28 -12.45 -18.43
C ARG C 229 -1.51 -12.73 -19.72
N GLY C 230 -1.60 -13.93 -20.26
CA GLY C 230 -0.61 -14.42 -21.20
C GLY C 230 0.34 -15.28 -20.39
N GLU C 231 0.18 -15.21 -19.07
CA GLU C 231 0.85 -16.08 -18.14
C GLU C 231 -0.15 -16.71 -17.18
N LEU C 232 -1.44 -16.71 -17.56
CA LEU C 232 -2.49 -17.13 -16.65
C LEU C 232 -2.61 -18.64 -16.59
N SER C 233 -2.71 -19.28 -17.75
CA SER C 233 -2.91 -20.73 -17.78
C SER C 233 -1.92 -21.44 -16.89
N GLU C 234 -0.66 -21.01 -16.90
CA GLU C 234 0.34 -21.64 -16.05
C GLU C 234 0.00 -21.47 -14.58
N ARG C 235 -0.41 -20.28 -14.17
CA ARG C 235 -0.81 -20.05 -12.79
C ARG C 235 -1.97 -20.96 -12.41
N GLN C 236 -2.97 -21.05 -13.27
CA GLN C 236 -4.13 -21.88 -12.96
C GLN C 236 -3.74 -23.35 -12.86
N GLN C 237 -2.82 -23.80 -13.70
CA GLN C 237 -2.43 -25.21 -13.64
C GLN C 237 -1.65 -25.51 -12.37
N LYS C 238 -0.72 -24.64 -12.00
CA LYS C 238 -0.03 -24.82 -10.73
C LYS C 238 -1.02 -24.86 -9.58
N LEU C 239 -1.97 -23.92 -9.57
CA LEU C 239 -2.97 -23.90 -8.50
C LEU C 239 -3.79 -25.18 -8.48
N ASN C 240 -4.09 -25.72 -9.65
CA ASN C 240 -4.91 -26.93 -9.72
C ASN C 240 -4.15 -28.11 -9.16
N GLN C 241 -2.89 -28.27 -9.53
CA GLN C 241 -2.07 -29.31 -8.93
C GLN C 241 -2.08 -29.17 -7.41
N HIS C 242 -1.88 -27.93 -6.93
CA HIS C 242 -1.85 -27.70 -5.50
C HIS C 242 -3.13 -28.17 -4.83
N LEU C 243 -4.28 -27.74 -5.36
CA LEU C 243 -5.55 -28.10 -4.74
C LEU C 243 -5.76 -29.60 -4.79
N PHE C 244 -5.39 -30.24 -5.89
CA PHE C 244 -5.52 -31.69 -5.97
C PHE C 244 -4.74 -32.37 -4.85
N LYS C 245 -3.48 -31.97 -4.68
CA LYS C 245 -2.68 -32.53 -3.60
C LYS C 245 -3.35 -32.32 -2.25
N LEU C 246 -3.84 -31.11 -2.02
CA LEU C 246 -4.47 -30.80 -0.74
C LEU C 246 -5.65 -31.72 -0.49
N ASN C 247 -6.48 -31.93 -1.49
CA ASN C 247 -7.64 -32.79 -1.31
C ASN C 247 -7.22 -34.23 -1.07
N ARG C 248 -6.21 -34.70 -1.79
CA ARG C 248 -5.67 -36.03 -1.52
C ARG C 248 -5.32 -36.18 -0.05
N LEU C 249 -4.53 -35.24 0.46
CA LEU C 249 -4.17 -35.28 1.88
C LEU C 249 -5.41 -35.32 2.75
N ALA C 250 -6.30 -34.36 2.56
CA ALA C 250 -7.49 -34.27 3.40
C ALA C 250 -8.30 -35.54 3.38
N GLU C 251 -8.27 -36.31 2.30
CA GLU C 251 -9.03 -37.55 2.23
C GLU C 251 -8.31 -38.73 2.85
N GLU C 252 -7.02 -38.89 2.62
CA GLU C 252 -6.35 -40.09 3.10
C GLU C 252 -5.91 -40.02 4.54
N PHE C 253 -5.94 -38.86 5.17
CA PHE C 253 -5.54 -38.71 6.56
C PHE C 253 -6.67 -38.27 7.47
N ASN C 254 -7.90 -38.26 6.97
CA ASN C 254 -9.05 -37.83 7.73
C ASN C 254 -8.76 -36.52 8.46
N VAL C 255 -8.42 -35.52 7.65
CA VAL C 255 -8.12 -34.18 8.14
C VAL C 255 -8.92 -33.21 7.29
N ALA C 256 -9.21 -32.04 7.86
CA ALA C 256 -10.02 -31.04 7.16
C ALA C 256 -9.15 -29.85 6.77
N VAL C 257 -9.41 -29.30 5.58
CA VAL C 257 -8.62 -28.22 5.03
C VAL C 257 -9.47 -26.96 5.03
N PHE C 258 -8.91 -25.87 5.55
CA PHE C 258 -9.60 -24.61 5.69
C PHE C 258 -8.79 -23.54 4.98
N LEU C 259 -9.39 -22.94 3.95
CA LEU C 259 -8.70 -21.97 3.10
C LEU C 259 -9.37 -20.62 3.24
N THR C 260 -8.56 -19.58 3.37
CA THR C 260 -9.06 -18.20 3.39
C THR C 260 -8.73 -17.55 2.06
N ASN C 261 -9.73 -16.99 1.41
CA ASN C 261 -9.56 -16.38 0.10
C ASN C 261 -9.81 -14.88 0.19
N GLN C 262 -9.68 -14.21 -0.94
CA GLN C 262 -9.88 -12.77 -1.04
C GLN C 262 -11.00 -12.47 -2.03
N VAL C 263 -11.18 -11.20 -2.33
CA VAL C 263 -12.24 -10.76 -3.22
C VAL C 263 -11.72 -9.67 -4.14
N GLN C 264 -12.48 -9.38 -5.18
CA GLN C 264 -12.14 -8.35 -6.13
C GLN C 264 -13.40 -7.63 -6.58
N SER C 265 -13.20 -6.49 -7.22
CA SER C 265 -14.28 -5.64 -7.66
C SER C 265 -14.52 -5.84 -9.15
N ASP C 266 -15.77 -6.00 -9.54
CA ASP C 266 -16.12 -6.26 -10.92
C ASP C 266 -16.48 -4.95 -11.61
N PRO C 267 -15.57 -4.34 -12.34
CA PRO C 267 -15.93 -3.12 -13.06
C PRO C 267 -16.80 -3.42 -14.27
N GLY C 268 -17.27 -4.65 -14.36
CA GLY C 268 -18.08 -5.07 -15.48
C GLY C 268 -19.33 -4.22 -15.62
N ALA C 269 -20.25 -4.34 -14.66
CA ALA C 269 -21.49 -3.58 -14.71
C ALA C 269 -22.22 -3.77 -13.39
N SER C 270 -23.34 -3.06 -13.26
CA SER C 270 -24.18 -3.09 -12.06
C SER C 270 -25.56 -3.59 -12.44
N ALA C 271 -25.71 -4.91 -12.48
CA ALA C 271 -26.99 -5.48 -12.86
C ALA C 271 -27.52 -6.50 -11.87
N LEU C 272 -26.65 -7.33 -11.30
CA LEU C 272 -27.06 -8.37 -10.36
C LEU C 272 -26.16 -8.30 -9.13
N PHE C 273 -26.53 -7.45 -8.18
CA PHE C 273 -27.72 -6.62 -8.33
C PHE C 273 -27.36 -5.13 -8.36
N ALA C 274 -26.28 -4.81 -9.07
CA ALA C 274 -25.77 -3.46 -9.31
C ALA C 274 -25.01 -2.91 -8.11
N SER C 275 -24.96 -3.62 -6.99
CA SER C 275 -24.27 -3.17 -5.79
C SER C 275 -23.55 -4.35 -5.16
N ALA C 276 -23.02 -4.13 -3.96
CA ALA C 276 -22.34 -5.18 -3.21
C ALA C 276 -21.20 -5.79 -4.02
N ASP C 277 -20.22 -4.94 -4.30
CA ASP C 277 -19.05 -5.39 -5.05
C ASP C 277 -18.14 -6.30 -4.24
N GLY C 278 -18.27 -6.32 -2.92
CA GLY C 278 -17.42 -7.17 -2.12
C GLY C 278 -17.79 -8.63 -2.27
N ARG C 279 -17.68 -9.13 -3.49
CA ARG C 279 -18.02 -10.52 -3.81
C ARG C 279 -17.18 -10.92 -5.02
N LYS C 280 -17.54 -12.02 -5.66
CA LYS C 280 -16.73 -12.52 -6.75
C LYS C 280 -15.29 -12.70 -6.30
N PRO C 281 -14.99 -13.75 -5.57
CA PRO C 281 -13.62 -13.98 -5.12
C PRO C 281 -12.65 -14.15 -6.29
N ILE C 282 -11.37 -14.25 -5.99
CA ILE C 282 -10.36 -14.48 -7.01
C ILE C 282 -10.09 -15.97 -7.09
N GLY C 283 -9.48 -16.38 -8.20
CA GLY C 283 -9.12 -17.76 -8.41
C GLY C 283 -9.91 -18.48 -9.48
N GLY C 284 -10.66 -17.76 -10.31
CA GLY C 284 -11.36 -18.37 -11.41
C GLY C 284 -12.17 -19.60 -11.04
N HIS C 285 -12.56 -20.38 -12.03
CA HIS C 285 -13.34 -21.58 -11.78
C HIS C 285 -12.52 -22.71 -11.24
N VAL C 286 -11.21 -22.71 -11.47
CA VAL C 286 -10.35 -23.77 -10.97
C VAL C 286 -10.55 -23.95 -9.47
N LEU C 287 -10.62 -22.85 -8.74
CA LEU C 287 -10.76 -22.92 -7.30
C LEU C 287 -12.20 -23.07 -6.86
N ALA C 288 -13.15 -22.52 -7.62
CA ALA C 288 -14.56 -22.71 -7.28
C ALA C 288 -14.94 -24.18 -7.34
N HIS C 289 -14.52 -24.87 -8.39
CA HIS C 289 -14.87 -26.29 -8.51
C HIS C 289 -14.22 -27.09 -7.40
N ALA C 290 -12.91 -27.01 -7.27
CA ALA C 290 -12.19 -27.83 -6.30
C ALA C 290 -12.69 -27.62 -4.88
N SER C 291 -13.34 -26.50 -4.59
CA SER C 291 -13.75 -26.19 -3.24
C SER C 291 -15.04 -26.91 -2.89
N ALA C 292 -15.02 -27.61 -1.76
CA ALA C 292 -16.20 -28.36 -1.33
C ALA C 292 -17.26 -27.42 -0.78
N THR C 293 -16.90 -26.62 0.22
CA THR C 293 -17.84 -25.66 0.79
C THR C 293 -17.33 -24.25 0.58
N ARG C 294 -18.22 -23.34 0.24
CA ARG C 294 -17.89 -21.93 0.02
C ARG C 294 -18.71 -21.07 0.98
N ILE C 295 -18.05 -20.18 1.69
CA ILE C 295 -18.72 -19.28 2.61
C ILE C 295 -18.29 -17.85 2.32
N LEU C 296 -19.27 -16.95 2.30
CA LEU C 296 -19.05 -15.54 2.05
C LEU C 296 -19.26 -14.77 3.33
N LEU C 297 -18.26 -14.03 3.76
CA LEU C 297 -18.33 -13.20 4.95
C LEU C 297 -18.48 -11.74 4.54
N ARG C 298 -19.50 -11.08 5.07
CA ARG C 298 -19.80 -9.71 4.70
C ARG C 298 -19.93 -8.88 5.97
N LYS C 299 -19.66 -7.59 5.84
CA LYS C 299 -19.77 -6.66 6.95
C LYS C 299 -21.21 -6.22 7.13
N GLY C 300 -21.72 -6.37 8.34
CA GLY C 300 -23.11 -6.06 8.60
C GLY C 300 -23.31 -4.67 9.14
N ARG C 301 -23.75 -4.56 10.39
CA ARG C 301 -23.91 -3.29 11.07
C ARG C 301 -23.20 -3.33 12.41
N GLY C 302 -22.85 -2.15 12.92
CA GLY C 302 -22.12 -2.08 14.16
C GLY C 302 -20.86 -2.91 14.10
N ASP C 303 -20.81 -3.98 14.87
CA ASP C 303 -19.68 -4.91 14.84
C ASP C 303 -20.17 -6.33 14.64
N GLU C 304 -21.23 -6.48 13.86
CA GLU C 304 -21.77 -7.78 13.51
C GLU C 304 -21.52 -8.06 12.03
N ARG C 305 -21.21 -9.30 11.71
CA ARG C 305 -20.97 -9.70 10.34
C ARG C 305 -21.96 -10.77 9.92
N VAL C 306 -22.20 -10.82 8.62
CA VAL C 306 -23.16 -11.74 8.03
C VAL C 306 -22.41 -12.83 7.30
N ALA C 307 -22.66 -14.09 7.66
CA ALA C 307 -22.12 -15.23 6.96
C ALA C 307 -23.17 -15.81 6.04
N LYS C 308 -22.75 -16.21 4.85
CA LYS C 308 -23.64 -16.81 3.87
C LYS C 308 -22.97 -18.05 3.32
N LEU C 309 -23.75 -19.08 3.04
CA LEU C 309 -23.24 -20.34 2.56
C LEU C 309 -23.61 -20.52 1.10
N GLN C 310 -22.63 -20.50 0.22
CA GLN C 310 -22.92 -20.48 -1.21
C GLN C 310 -22.81 -21.84 -1.86
N ASP C 311 -21.87 -22.68 -1.43
CA ASP C 311 -21.63 -23.97 -2.08
C ASP C 311 -21.37 -25.00 -0.99
N SER C 312 -22.24 -26.00 -0.90
CA SER C 312 -22.02 -27.13 -0.01
C SER C 312 -22.70 -28.35 -0.60
N PRO C 313 -22.16 -29.53 -0.38
CA PRO C 313 -22.81 -30.75 -0.87
C PRO C 313 -23.86 -31.29 0.09
N ASP C 314 -23.79 -30.89 1.36
CA ASP C 314 -24.71 -31.41 2.36
C ASP C 314 -25.93 -30.52 2.54
N MET C 315 -25.73 -29.28 3.01
CA MET C 315 -26.87 -28.38 3.19
C MET C 315 -27.33 -27.69 1.90
N PRO C 316 -28.48 -27.00 1.98
CA PRO C 316 -28.96 -26.21 0.84
C PRO C 316 -28.32 -24.85 0.65
N GLU C 317 -28.55 -23.98 1.64
CA GLU C 317 -28.25 -22.55 1.59
C GLU C 317 -28.74 -21.96 2.90
N LYS C 318 -28.22 -20.81 3.32
CA LYS C 318 -28.75 -20.08 4.47
C LYS C 318 -27.99 -18.77 4.71
N GLU C 319 -28.48 -18.00 5.66
CA GLU C 319 -27.79 -16.81 6.16
C GLU C 319 -27.52 -17.03 7.64
N CYS C 320 -26.58 -16.27 8.20
CA CYS C 320 -26.29 -16.30 9.62
C CYS C 320 -25.63 -15.00 10.02
N VAL C 321 -25.61 -14.73 11.33
CA VAL C 321 -25.01 -13.50 11.84
C VAL C 321 -24.12 -13.87 13.02
N TYR C 322 -22.93 -13.28 13.05
CA TYR C 322 -21.97 -13.58 14.10
C TYR C 322 -21.23 -12.32 14.50
N VAL C 323 -20.55 -12.40 15.64
CA VAL C 323 -19.82 -11.28 16.20
C VAL C 323 -18.41 -11.75 16.55
N ILE C 324 -17.42 -10.96 16.19
CA ILE C 324 -16.02 -11.27 16.50
C ILE C 324 -15.66 -10.52 17.77
N GLY C 325 -15.70 -11.22 18.90
CA GLY C 325 -15.40 -10.58 20.16
C GLY C 325 -13.99 -10.85 20.63
N GLU C 326 -13.81 -11.06 21.93
CA GLU C 326 -12.51 -11.38 22.49
C GLU C 326 -12.28 -12.86 22.64
N LYS C 327 -13.30 -13.68 22.43
CA LYS C 327 -13.18 -15.13 22.46
C LYS C 327 -13.33 -15.73 21.08
N GLY C 328 -12.83 -15.03 20.07
CA GLY C 328 -12.99 -15.47 18.70
C GLY C 328 -14.41 -15.27 18.21
N ILE C 329 -14.73 -15.93 17.10
CA ILE C 329 -16.06 -15.82 16.53
C ILE C 329 -17.07 -16.27 17.58
N THR C 330 -18.13 -15.48 17.74
CA THR C 330 -19.18 -15.76 18.71
C THR C 330 -20.50 -15.21 18.17
N ASP C 331 -21.47 -15.03 19.05
CA ASP C 331 -22.77 -14.55 18.65
C ASP C 331 -23.07 -13.16 19.20
#